data_3NT8
#
_entry.id   3NT8
#
_cell.length_a   67.780
_cell.length_b   74.570
_cell.length_c   84.740
_cell.angle_alpha   90.00
_cell.angle_beta   112.10
_cell.angle_gamma   90.00
#
_symmetry.space_group_name_H-M   'P 1 21 1'
#
loop_
_entity.id
_entity.type
_entity.pdbx_description
1 polymer 'Ancylostoma secreted protein 1'
2 water water
#
_entity_poly.entity_id   1
_entity_poly.type   'polypeptide(L)'
_entity_poly.pdbx_seq_one_letter_code
;MFSPVVVSVVFTIAFCNASPARDSFGCSNSGITDSDRQAFLDFHNNARRRVAKGLEDSNSGKLNPAKNMYKLSWDCAMEQ
QLQDAIQSCPSGFAGIQGVAQNTMSWSSSGGYPDPSVKIEPTLSGWWSGAKKNGVGPDNKYTGGGLFAFSNMVYSETTKL
GCAYKVCGTKLAVSCIYNGVGYITNQPMWETGQACQTGADCSTYKNSGCEDGLCTKGPDVPETNQQCPSNTGMTDSVRDT
FLSVHNEFRSSVARGLEPDALGGNAPKAAKMLKMVYDCEVEASAIRHGNKCVYQHSHGEDRPGLGENIYKTSVLKFDKNK
AAKQASQLWWNELKEYGVGPSNVLTTALWNRPNMQIGHYTQMAWDTTYKLGCAVVFCNDFTFGVCQYGPGGNYMGHVIYT
MGQPCSQCSPGATCSVTEGLCSAP
;
_entity_poly.pdbx_strand_id   A,B
#
# COMPACT_ATOMS: atom_id res chain seq x y z
N SER A 24 0.65 -28.16 7.19
CA SER A 24 1.76 -27.43 7.92
C SER A 24 1.35 -26.14 8.70
N PHE A 25 0.55 -25.30 8.05
CA PHE A 25 0.10 -23.98 8.59
C PHE A 25 1.20 -22.94 8.73
N GLY A 26 2.18 -23.22 9.58
CA GLY A 26 3.33 -22.34 9.73
C GLY A 26 2.96 -21.06 10.45
N CYS A 27 1.90 -21.09 11.26
CA CYS A 27 1.51 -19.90 12.02
C CYS A 27 2.20 -19.86 13.38
N SER A 28 2.58 -18.66 13.78
CA SER A 28 3.27 -18.48 15.05
C SER A 28 2.28 -18.42 16.21
N ASN A 29 1.01 -18.17 15.93
CA ASN A 29 0.11 -17.89 17.04
C ASN A 29 -0.02 -19.13 17.92
N SER A 30 0.26 -18.97 19.23
CA SER A 30 0.04 -20.04 20.22
C SER A 30 -1.42 -20.05 20.84
N GLY A 31 -2.28 -19.10 20.41
CA GLY A 31 -3.66 -18.95 20.89
C GLY A 31 -4.52 -20.16 20.51
N ILE A 32 -4.24 -20.72 19.33
CA ILE A 32 -4.96 -21.96 18.95
C ILE A 32 -3.94 -22.97 18.48
N THR A 33 -4.33 -24.26 18.41
CA THR A 33 -3.43 -25.30 17.85
C THR A 33 -3.59 -25.57 16.33
N ASP A 34 -2.67 -26.32 15.73
CA ASP A 34 -2.86 -26.74 14.32
C ASP A 34 -4.07 -27.59 14.16
N SER A 35 -4.38 -28.35 15.19
CA SER A 35 -5.51 -29.22 15.16
C SER A 35 -6.80 -28.39 15.10
N ASP A 36 -6.76 -27.23 15.75
CA ASP A 36 -7.85 -26.27 15.68
C ASP A 36 -7.93 -25.64 14.31
N ARG A 37 -6.80 -25.27 13.73
CA ARG A 37 -6.80 -24.63 12.45
C ARG A 37 -7.33 -25.61 11.42
N GLN A 38 -7.06 -26.89 11.60
CA GLN A 38 -7.42 -27.89 10.65
C GLN A 38 -8.91 -28.12 10.84
N ALA A 39 -9.45 -28.01 12.06
CA ALA A 39 -10.87 -28.19 12.24
C ALA A 39 -11.74 -26.99 11.69
N PHE A 40 -11.28 -25.76 11.87
CA PHE A 40 -11.86 -24.62 11.18
C PHE A 40 -11.81 -24.77 9.66
N LEU A 41 -10.64 -25.07 9.14
CA LEU A 41 -10.48 -25.11 7.71
C LEU A 41 -11.30 -26.21 7.05
N ASP A 42 -11.26 -27.43 7.63
CA ASP A 42 -11.96 -28.58 7.06
C ASP A 42 -13.48 -28.39 7.08
N PHE A 43 -13.99 -27.86 8.18
CA PHE A 43 -15.45 -27.69 8.28
C PHE A 43 -15.92 -26.73 7.14
N HIS A 44 -15.14 -25.71 6.87
CA HIS A 44 -15.58 -24.76 5.85
C HIS A 44 -15.54 -25.41 4.47
N ASN A 45 -14.42 -26.09 4.13
CA ASN A 45 -14.27 -26.70 2.80
C ASN A 45 -15.14 -27.90 2.52
N ASN A 46 -15.42 -28.68 3.55
CA ASN A 46 -16.33 -29.79 3.41
C ASN A 46 -17.74 -29.30 3.12
N ALA A 47 -18.16 -28.26 3.82
CA ALA A 47 -19.48 -27.67 3.64
C ALA A 47 -19.55 -26.92 2.32
N ARG A 48 -18.48 -26.26 1.94
CA ARG A 48 -18.48 -25.61 0.60
C ARG A 48 -18.60 -26.62 -0.58
N ARG A 49 -18.00 -27.80 -0.42
CA ARG A 49 -17.91 -28.83 -1.45
C ARG A 49 -19.26 -29.50 -1.57
N ARG A 50 -19.93 -29.73 -0.42
CA ARG A 50 -21.30 -30.19 -0.39
C ARG A 50 -22.23 -29.30 -1.16
N VAL A 51 -22.08 -27.99 -1.08
CA VAL A 51 -22.94 -27.07 -1.79
C VAL A 51 -22.67 -27.16 -3.26
N ALA A 52 -21.39 -27.01 -3.60
CA ALA A 52 -20.92 -27.11 -4.96
C ALA A 52 -21.48 -28.32 -5.69
N LYS A 53 -21.43 -29.49 -5.03
CA LYS A 53 -21.92 -30.80 -5.53
C LYS A 53 -23.46 -30.95 -5.55
N GLY A 54 -24.16 -29.96 -4.97
CA GLY A 54 -25.62 -29.98 -4.91
C GLY A 54 -26.14 -30.94 -3.87
N LEU A 55 -25.33 -31.22 -2.82
CA LEU A 55 -25.64 -32.22 -1.83
C LEU A 55 -26.14 -31.68 -0.48
N GLU A 56 -26.14 -30.35 -0.33
CA GLU A 56 -26.41 -29.73 0.95
C GLU A 56 -27.90 -29.41 1.08
N ASP A 57 -28.42 -29.80 2.24
CA ASP A 57 -29.78 -29.57 2.59
C ASP A 57 -30.14 -28.11 2.68
N SER A 58 -31.35 -27.83 2.25
CA SER A 58 -32.02 -26.56 2.48
C SER A 58 -33.22 -26.70 3.43
N ASN A 59 -34.04 -25.68 3.61
CA ASN A 59 -35.22 -25.85 4.45
C ASN A 59 -36.24 -26.76 3.77
N SER A 60 -36.19 -26.86 2.45
CA SER A 60 -37.17 -27.65 1.75
C SER A 60 -36.56 -28.67 0.83
N GLY A 61 -35.60 -28.34 0.02
CA GLY A 61 -35.05 -29.44 -0.77
C GLY A 61 -33.54 -29.37 -0.61
N LYS A 62 -32.80 -29.39 -1.72
CA LYS A 62 -31.36 -29.20 -1.76
C LYS A 62 -31.00 -27.83 -2.26
N LEU A 63 -29.91 -27.28 -1.71
CA LEU A 63 -29.33 -26.07 -2.27
C LEU A 63 -28.87 -26.29 -3.67
N ASN A 64 -28.94 -25.24 -4.49
CA ASN A 64 -28.36 -25.33 -5.83
C ASN A 64 -26.87 -25.65 -5.83
N PRO A 65 -26.40 -26.48 -6.80
CA PRO A 65 -24.96 -26.72 -7.02
C PRO A 65 -24.24 -25.44 -7.44
N ALA A 66 -22.90 -25.44 -7.29
CA ALA A 66 -22.14 -24.25 -7.49
C ALA A 66 -21.00 -24.39 -8.48
N LYS A 67 -20.90 -23.45 -9.42
CA LYS A 67 -19.70 -23.32 -10.21
C LYS A 67 -18.82 -22.28 -9.54
N ASN A 68 -17.53 -22.28 -9.86
CA ASN A 68 -16.58 -21.30 -9.26
C ASN A 68 -16.61 -21.28 -7.70
N MET A 69 -16.87 -22.42 -7.05
CA MET A 69 -16.81 -22.46 -5.60
C MET A 69 -15.39 -22.72 -5.18
N TYR A 70 -14.75 -21.70 -4.62
CA TYR A 70 -13.33 -21.78 -4.18
C TYR A 70 -13.09 -22.44 -2.81
N LYS A 71 -12.05 -23.25 -2.77
CA LYS A 71 -11.55 -23.87 -1.55
C LYS A 71 -10.86 -22.76 -0.82
N LEU A 72 -11.07 -22.67 0.48
CA LEU A 72 -10.34 -21.74 1.34
C LEU A 72 -8.96 -22.25 1.68
N SER A 73 -8.00 -21.34 1.74
CA SER A 73 -6.69 -21.60 2.34
C SER A 73 -6.58 -20.83 3.62
N TRP A 74 -5.88 -21.41 4.59
CA TRP A 74 -5.59 -20.65 5.83
C TRP A 74 -4.68 -19.43 5.69
N ASP A 75 -4.93 -18.35 6.43
CA ASP A 75 -4.02 -17.23 6.34
C ASP A 75 -3.49 -16.82 7.72
N CYS A 76 -2.17 -16.87 7.94
CA CYS A 76 -1.66 -16.68 9.30
C CYS A 76 -1.86 -15.26 9.82
N ALA A 77 -1.73 -14.31 8.90
CA ALA A 77 -1.81 -12.91 9.16
C ALA A 77 -3.23 -12.58 9.49
N MET A 78 -4.18 -13.20 8.78
CA MET A 78 -5.61 -13.00 9.09
C MET A 78 -5.92 -13.55 10.47
N GLU A 79 -5.46 -14.77 10.74
CA GLU A 79 -5.60 -15.40 12.06
C GLU A 79 -5.02 -14.56 13.19
N GLN A 80 -3.84 -13.99 12.96
CA GLN A 80 -3.12 -13.29 14.05
C GLN A 80 -3.82 -12.01 14.38
N GLN A 81 -4.26 -11.30 13.35
CA GLN A 81 -4.95 -10.06 13.57
C GLN A 81 -6.26 -10.26 14.34
N LEU A 82 -7.02 -11.27 13.98
CA LEU A 82 -8.26 -11.56 14.64
C LEU A 82 -7.99 -11.99 16.11
N GLN A 83 -6.93 -12.76 16.30
CA GLN A 83 -6.59 -13.21 17.65
C GLN A 83 -6.29 -12.02 18.58
N ASP A 84 -5.57 -11.02 18.06
CA ASP A 84 -5.23 -9.81 18.80
C ASP A 84 -6.46 -8.99 19.17
N ALA A 85 -7.55 -9.18 18.44
CA ALA A 85 -8.71 -8.32 18.61
C ALA A 85 -9.71 -8.85 19.61
N ILE A 86 -9.59 -10.13 19.90
CA ILE A 86 -10.55 -10.79 20.77
C ILE A 86 -9.97 -11.14 22.16
N GLN A 87 -8.87 -10.51 22.54
CA GLN A 87 -8.22 -10.92 23.80
C GLN A 87 -9.11 -10.71 25.04
N SER A 88 -10.00 -9.73 24.96
CA SER A 88 -10.89 -9.43 26.08
C SER A 88 -12.33 -9.92 25.84
N CYS A 89 -12.50 -10.83 24.88
CA CYS A 89 -13.84 -11.32 24.44
C CYS A 89 -14.84 -10.16 24.22
N PRO A 90 -14.48 -9.22 23.33
CA PRO A 90 -15.34 -8.04 23.13
C PRO A 90 -16.69 -8.39 22.53
N SER A 91 -17.69 -7.56 22.84
CA SER A 91 -18.99 -7.53 22.11
C SER A 91 -18.88 -6.90 20.71
N GLY A 92 -19.65 -7.41 19.76
CA GLY A 92 -19.68 -6.83 18.43
C GLY A 92 -18.55 -7.30 17.55
N PHE A 93 -18.28 -6.50 16.52
CA PHE A 93 -17.29 -6.80 15.48
C PHE A 93 -15.94 -6.10 15.67
N ALA A 94 -14.89 -6.78 15.23
CA ALA A 94 -13.52 -6.33 15.46
C ALA A 94 -13.17 -5.09 14.65
N GLY A 95 -13.81 -4.92 13.47
CA GLY A 95 -13.49 -3.85 12.51
C GLY A 95 -12.13 -4.02 11.79
N ILE A 96 -11.66 -5.27 11.68
CA ILE A 96 -10.46 -5.59 10.89
C ILE A 96 -10.57 -5.26 9.39
N GLN A 97 -9.47 -4.74 8.82
CA GLN A 97 -9.47 -4.30 7.42
C GLN A 97 -9.51 -5.43 6.42
N GLY A 98 -10.28 -5.21 5.34
CA GLY A 98 -10.27 -6.12 4.19
C GLY A 98 -11.10 -7.39 4.32
N VAL A 99 -11.85 -7.54 5.42
CA VAL A 99 -12.48 -8.84 5.72
C VAL A 99 -13.89 -8.73 6.28
N ALA A 100 -14.66 -9.81 6.08
CA ALA A 100 -15.93 -9.99 6.77
C ALA A 100 -15.70 -10.86 8.03
N GLN A 101 -16.56 -10.74 9.02
CA GLN A 101 -16.37 -11.41 10.26
C GLN A 101 -17.61 -12.15 10.76
N ASN A 102 -17.38 -13.36 11.27
CA ASN A 102 -18.35 -14.17 11.94
C ASN A 102 -17.94 -14.32 13.40
N THR A 103 -18.90 -14.23 14.32
CA THR A 103 -18.59 -14.18 15.74
C THR A 103 -19.67 -14.90 16.60
N MET A 104 -19.19 -15.49 17.70
CA MET A 104 -20.05 -16.27 18.59
C MET A 104 -19.50 -16.17 20.00
N SER A 105 -20.41 -16.02 20.94
CA SER A 105 -20.02 -15.92 22.33
C SER A 105 -20.67 -17.02 23.16
N TRP A 106 -19.86 -17.71 23.97
CA TRP A 106 -20.39 -18.70 24.92
C TRP A 106 -20.18 -18.30 26.37
N SER A 107 -21.13 -18.66 27.22
CA SER A 107 -20.95 -18.46 28.65
C SER A 107 -21.19 -19.74 29.39
N SER A 108 -20.35 -19.98 30.39
CA SER A 108 -20.54 -21.11 31.27
C SER A 108 -19.84 -20.82 32.58
N SER A 109 -20.50 -21.15 33.67
CA SER A 109 -20.04 -20.89 35.03
C SER A 109 -18.89 -21.79 35.42
N GLY A 110 -18.73 -22.86 34.65
CA GLY A 110 -17.62 -23.81 34.82
C GLY A 110 -16.34 -23.49 34.06
N GLY A 111 -16.36 -22.43 33.28
CA GLY A 111 -15.21 -22.06 32.45
C GLY A 111 -15.01 -22.97 31.22
N TYR A 112 -13.80 -22.96 30.65
CA TYR A 112 -13.56 -23.66 29.37
C TYR A 112 -12.16 -24.28 29.38
N PRO A 113 -12.03 -25.44 30.09
CA PRO A 113 -10.74 -26.08 30.16
C PRO A 113 -10.37 -26.73 28.79
N ASP A 114 -11.35 -26.98 27.92
CA ASP A 114 -11.06 -27.49 26.58
C ASP A 114 -11.87 -26.74 25.49
N PRO A 115 -11.45 -25.51 25.18
CA PRO A 115 -12.22 -24.69 24.23
C PRO A 115 -12.34 -25.27 22.79
N SER A 116 -11.48 -26.20 22.39
CA SER A 116 -11.57 -26.77 21.07
C SER A 116 -12.93 -27.48 20.82
N VAL A 117 -13.61 -27.89 21.90
CA VAL A 117 -14.88 -28.63 21.69
C VAL A 117 -16.04 -27.76 21.29
N LYS A 118 -15.80 -26.45 21.36
CA LYS A 118 -16.78 -25.49 20.93
C LYS A 118 -16.59 -25.07 19.48
N ILE A 119 -15.59 -25.63 18.80
CA ILE A 119 -15.39 -25.24 17.41
C ILE A 119 -16.53 -25.75 16.50
N GLU A 120 -16.95 -26.98 16.68
CA GLU A 120 -17.89 -27.58 15.81
C GLU A 120 -19.30 -27.02 15.98
N PRO A 121 -19.75 -26.90 17.23
CA PRO A 121 -21.07 -26.35 17.40
C PRO A 121 -21.13 -24.86 17.05
N THR A 122 -20.00 -24.12 17.14
CA THR A 122 -19.97 -22.73 16.65
C THR A 122 -20.19 -22.65 15.14
N LEU A 123 -19.41 -23.43 14.42
CA LEU A 123 -19.41 -23.39 12.98
C LEU A 123 -20.78 -23.97 12.44
N SER A 124 -21.29 -24.99 13.09
CA SER A 124 -22.53 -25.56 12.65
C SER A 124 -23.74 -24.70 12.94
N GLY A 125 -23.64 -23.92 14.00
CA GLY A 125 -24.59 -22.85 14.34
C GLY A 125 -24.59 -21.71 13.29
N TRP A 126 -23.41 -21.30 12.85
CA TRP A 126 -23.26 -20.34 11.72
C TRP A 126 -23.86 -20.88 10.45
N TRP A 127 -23.53 -22.13 10.17
CA TRP A 127 -23.94 -22.80 8.96
C TRP A 127 -25.49 -23.05 8.86
N SER A 128 -26.20 -23.11 10.00
CA SER A 128 -27.56 -23.60 10.07
C SER A 128 -28.53 -22.55 9.52
N GLY A 129 -27.98 -21.37 9.19
CA GLY A 129 -28.71 -20.29 8.57
C GLY A 129 -29.58 -20.77 7.41
N ALA A 130 -28.98 -21.57 6.53
CA ALA A 130 -29.60 -21.92 5.28
C ALA A 130 -30.66 -22.98 5.44
N LYS A 131 -30.40 -23.95 6.32
CA LYS A 131 -31.33 -25.01 6.57
C LYS A 131 -32.54 -24.52 7.31
N LYS A 132 -32.36 -23.56 8.21
CA LYS A 132 -33.45 -23.07 9.03
C LYS A 132 -34.36 -22.07 8.33
N ASN A 133 -33.79 -21.19 7.52
CA ASN A 133 -34.51 -20.08 6.83
C ASN A 133 -34.75 -20.26 5.32
N GLY A 134 -33.79 -20.88 4.66
CA GLY A 134 -33.91 -21.20 3.26
C GLY A 134 -33.11 -20.15 2.54
N VAL A 135 -32.85 -20.40 1.26
CA VAL A 135 -32.10 -19.50 0.39
C VAL A 135 -32.97 -19.32 -0.88
N GLY A 136 -33.12 -18.07 -1.30
CA GLY A 136 -33.77 -17.67 -2.56
C GLY A 136 -33.31 -18.35 -3.88
N PRO A 137 -34.20 -18.36 -4.91
CA PRO A 137 -33.99 -19.19 -6.11
C PRO A 137 -32.68 -18.92 -6.91
N ASP A 138 -32.09 -17.71 -6.75
CA ASP A 138 -30.83 -17.36 -7.40
C ASP A 138 -29.61 -17.37 -6.39
N ASN A 139 -29.82 -17.96 -5.21
CA ASN A 139 -28.86 -18.03 -4.14
C ASN A 139 -28.51 -16.63 -3.66
N LYS A 140 -29.46 -15.69 -3.84
CA LYS A 140 -29.17 -14.28 -3.50
C LYS A 140 -29.27 -14.04 -2.04
N TYR A 141 -28.38 -13.19 -1.53
CA TYR A 141 -28.44 -12.77 -0.10
C TYR A 141 -29.58 -11.79 0.09
N THR A 142 -30.43 -12.07 1.06
CA THR A 142 -31.56 -11.20 1.40
C THR A 142 -31.62 -10.99 2.91
N GLY A 143 -30.65 -11.57 3.62
CA GLY A 143 -30.63 -11.49 5.06
C GLY A 143 -31.58 -12.54 5.57
N GLY A 144 -32.69 -12.10 6.18
CA GLY A 144 -33.51 -13.01 6.95
C GLY A 144 -32.72 -14.11 7.66
N GLY A 145 -31.59 -13.78 8.33
CA GLY A 145 -30.82 -14.81 9.11
C GLY A 145 -29.77 -15.62 8.34
N LEU A 146 -29.31 -15.12 7.20
CA LEU A 146 -28.24 -15.79 6.41
C LEU A 146 -26.87 -15.15 6.61
N PHE A 147 -26.78 -14.15 7.50
CA PHE A 147 -25.53 -13.43 7.63
C PHE A 147 -24.32 -14.34 7.79
N ALA A 148 -24.40 -15.22 8.78
CA ALA A 148 -23.29 -16.03 9.14
C ALA A 148 -23.03 -17.13 8.09
N PHE A 149 -24.08 -17.67 7.48
CA PHE A 149 -23.97 -18.65 6.40
C PHE A 149 -23.35 -18.08 5.15
N SER A 150 -23.67 -16.83 4.80
CA SER A 150 -23.14 -16.12 3.63
C SER A 150 -21.62 -15.96 3.58
N ASN A 151 -21.01 -15.62 4.72
CA ASN A 151 -19.56 -15.59 4.85
C ASN A 151 -18.91 -16.94 4.71
N MET A 152 -19.56 -17.98 5.20
CA MET A 152 -18.98 -19.34 5.12
C MET A 152 -18.99 -19.87 3.69
N VAL A 153 -20.02 -19.54 2.92
CA VAL A 153 -20.35 -20.20 1.66
C VAL A 153 -19.91 -19.38 0.47
N TYR A 154 -19.59 -18.09 0.68
CA TYR A 154 -19.40 -17.19 -0.44
C TYR A 154 -18.36 -17.65 -1.43
N SER A 155 -18.76 -17.85 -2.66
CA SER A 155 -17.93 -18.57 -3.63
C SER A 155 -16.60 -17.91 -3.98
N GLU A 156 -16.51 -16.57 -4.01
CA GLU A 156 -15.28 -15.91 -4.42
C GLU A 156 -14.28 -15.79 -3.30
N THR A 157 -14.70 -16.08 -2.08
CA THR A 157 -13.75 -16.10 -0.93
C THR A 157 -12.69 -17.17 -1.14
N THR A 158 -11.45 -16.83 -0.86
CA THR A 158 -10.34 -17.76 -0.99
C THR A 158 -9.53 -17.91 0.32
N LYS A 159 -9.64 -16.93 1.24
CA LYS A 159 -8.81 -16.97 2.46
C LYS A 159 -9.61 -16.96 3.77
N LEU A 160 -9.10 -17.71 4.75
CA LEU A 160 -9.81 -17.93 6.01
C LEU A 160 -8.87 -17.66 7.19
N GLY A 161 -9.38 -17.02 8.25
CA GLY A 161 -8.62 -16.86 9.50
C GLY A 161 -9.51 -16.98 10.71
N CYS A 162 -9.25 -17.96 11.57
CA CYS A 162 -10.09 -18.12 12.77
C CYS A 162 -9.22 -18.22 14.05
N ALA A 163 -9.84 -17.89 15.20
CA ALA A 163 -9.25 -17.93 16.51
C ALA A 163 -10.35 -17.96 17.60
N TYR A 164 -10.09 -18.59 18.76
CA TYR A 164 -10.95 -18.44 19.96
C TYR A 164 -10.10 -17.82 21.10
N LYS A 165 -10.76 -17.25 22.12
CA LYS A 165 -10.11 -16.77 23.33
C LYS A 165 -11.00 -17.06 24.52
N VAL A 166 -10.44 -17.69 25.57
CA VAL A 166 -11.13 -17.86 26.85
C VAL A 166 -11.02 -16.57 27.73
N CYS A 167 -12.14 -16.11 28.30
CA CYS A 167 -12.08 -15.00 29.25
C CYS A 167 -12.76 -15.39 30.52
N GLY A 168 -12.09 -16.22 31.33
CA GLY A 168 -12.70 -16.76 32.55
C GLY A 168 -13.89 -17.67 32.32
N THR A 169 -15.09 -17.10 32.24
CA THR A 169 -16.34 -17.89 32.09
C THR A 169 -16.97 -17.62 30.74
N LYS A 170 -16.20 -16.93 29.89
CA LYS A 170 -16.70 -16.53 28.62
C LYS A 170 -15.74 -17.00 27.51
N LEU A 171 -16.30 -17.43 26.38
CA LEU A 171 -15.50 -17.91 25.25
C LEU A 171 -15.96 -17.23 23.98
N ALA A 172 -15.04 -16.61 23.26
CA ALA A 172 -15.43 -16.05 21.99
C ALA A 172 -14.71 -16.85 20.91
N VAL A 173 -15.48 -17.25 19.90
CA VAL A 173 -14.97 -17.96 18.73
C VAL A 173 -15.39 -17.19 17.48
N SER A 174 -14.45 -16.95 16.58
CA SER A 174 -14.62 -15.95 15.50
C SER A 174 -13.79 -16.37 14.27
N CYS A 175 -14.26 -16.01 13.09
CA CYS A 175 -13.56 -16.29 11.82
C CYS A 175 -13.76 -15.05 11.01
N ILE A 176 -12.71 -14.69 10.24
CA ILE A 176 -12.76 -13.60 9.28
C ILE A 176 -12.46 -14.13 7.90
N TYR A 177 -12.94 -13.43 6.87
CA TYR A 177 -12.96 -13.97 5.50
C TYR A 177 -12.62 -12.85 4.56
N ASN A 178 -11.81 -13.11 3.54
CA ASN A 178 -11.42 -12.09 2.60
C ASN A 178 -12.49 -11.82 1.50
N GLY A 179 -13.74 -12.21 1.75
CA GLY A 179 -14.81 -11.89 0.83
C GLY A 179 -16.04 -11.54 1.64
N VAL A 180 -16.91 -10.73 1.04
CA VAL A 180 -18.13 -10.28 1.65
C VAL A 180 -19.38 -10.99 1.05
N GLY A 181 -20.13 -11.75 1.86
CA GLY A 181 -21.30 -12.49 1.36
C GLY A 181 -22.65 -11.92 1.77
N TYR A 182 -22.63 -10.89 2.61
CA TYR A 182 -23.84 -10.24 3.06
C TYR A 182 -24.28 -8.97 2.26
N ILE A 183 -23.95 -8.88 0.98
CA ILE A 183 -24.38 -7.70 0.21
C ILE A 183 -25.79 -8.02 -0.31
N THR A 184 -26.75 -7.10 -0.13
CA THR A 184 -28.17 -7.35 -0.51
C THR A 184 -28.35 -7.67 -2.01
N ASN A 185 -29.07 -8.77 -2.29
CA ASN A 185 -29.40 -9.25 -3.63
C ASN A 185 -28.22 -9.78 -4.49
N GLN A 186 -27.01 -9.80 -3.91
CA GLN A 186 -25.82 -10.40 -4.58
C GLN A 186 -25.86 -11.91 -4.34
N PRO A 187 -25.61 -12.72 -5.40
CA PRO A 187 -25.64 -14.16 -5.24
C PRO A 187 -24.46 -14.65 -4.41
N MET A 188 -24.78 -15.51 -3.46
CA MET A 188 -23.74 -16.11 -2.61
C MET A 188 -22.85 -16.99 -3.48
N TRP A 189 -23.45 -17.59 -4.52
CA TRP A 189 -22.71 -18.39 -5.51
C TRP A 189 -23.57 -18.48 -6.79
N GLU A 190 -22.94 -18.89 -7.88
CA GLU A 190 -23.68 -19.04 -9.13
C GLU A 190 -24.08 -20.46 -9.33
N THR A 191 -25.34 -20.68 -9.66
CA THR A 191 -25.83 -22.04 -9.95
C THR A 191 -25.07 -22.59 -11.21
N GLY A 192 -24.45 -23.77 -11.05
CA GLY A 192 -23.94 -24.51 -12.19
C GLY A 192 -23.31 -25.77 -11.71
N GLN A 193 -22.81 -26.61 -12.62
CA GLN A 193 -22.00 -27.74 -12.20
C GLN A 193 -20.68 -27.31 -11.55
N ALA A 194 -20.26 -28.08 -10.55
CA ALA A 194 -18.98 -27.87 -9.90
C ALA A 194 -17.86 -28.13 -10.89
N CYS A 195 -16.70 -27.51 -10.68
CA CYS A 195 -15.62 -27.62 -11.62
C CYS A 195 -15.16 -29.05 -11.82
N GLN A 196 -14.74 -29.32 -13.07
CA GLN A 196 -14.22 -30.60 -13.47
C GLN A 196 -12.72 -30.51 -13.66
N THR A 197 -12.28 -29.43 -14.31
CA THR A 197 -10.88 -29.10 -14.39
C THR A 197 -10.73 -27.65 -13.97
N GLY A 198 -9.49 -27.18 -13.97
CA GLY A 198 -9.23 -25.83 -13.54
C GLY A 198 -9.68 -24.82 -14.58
N ALA A 199 -9.90 -25.27 -15.80
CA ALA A 199 -10.41 -24.39 -16.86
C ALA A 199 -11.84 -23.98 -16.60
N ASP A 200 -12.52 -24.67 -15.67
CA ASP A 200 -13.93 -24.36 -15.36
C ASP A 200 -14.07 -23.26 -14.36
N CYS A 201 -12.95 -22.83 -13.79
CA CYS A 201 -13.01 -21.81 -12.78
C CYS A 201 -12.72 -20.45 -13.39
N SER A 202 -13.74 -19.59 -13.40
CA SER A 202 -13.74 -18.35 -14.18
C SER A 202 -13.41 -17.13 -13.34
N THR A 203 -13.54 -17.25 -12.02
CA THR A 203 -13.28 -16.15 -11.12
C THR A 203 -11.81 -15.68 -11.13
N TYR A 204 -10.88 -16.62 -10.98
CA TYR A 204 -9.48 -16.26 -11.05
C TYR A 204 -8.76 -17.06 -12.13
N LYS A 205 -7.92 -16.37 -12.90
CA LYS A 205 -7.18 -17.01 -13.99
C LYS A 205 -6.19 -17.97 -13.40
N ASN A 206 -5.98 -19.07 -14.12
CA ASN A 206 -5.03 -20.10 -13.73
C ASN A 206 -5.34 -20.73 -12.40
N SER A 207 -6.62 -20.89 -12.15
CA SER A 207 -7.07 -21.71 -11.05
C SER A 207 -6.97 -23.22 -11.32
N GLY A 208 -6.89 -23.98 -10.23
CA GLY A 208 -6.89 -25.44 -10.25
C GLY A 208 -8.29 -25.90 -9.85
N CYS A 209 -8.50 -27.21 -9.87
CA CYS A 209 -9.78 -27.80 -9.47
C CYS A 209 -9.58 -29.08 -8.70
N GLU A 210 -10.06 -29.10 -7.46
CA GLU A 210 -9.93 -30.27 -6.57
C GLU A 210 -11.31 -30.76 -6.18
N ASP A 211 -11.76 -31.82 -6.83
CA ASP A 211 -13.06 -32.47 -6.50
C ASP A 211 -14.17 -31.41 -6.31
N GLY A 212 -14.44 -30.63 -7.36
CA GLY A 212 -15.54 -29.64 -7.35
C GLY A 212 -15.23 -28.27 -6.72
N LEU A 213 -14.04 -28.14 -6.14
CA LEU A 213 -13.64 -26.86 -5.54
C LEU A 213 -12.55 -26.26 -6.37
N CYS A 214 -12.76 -25.00 -6.77
CA CYS A 214 -11.71 -24.26 -7.44
C CYS A 214 -10.59 -23.90 -6.50
N THR A 215 -9.36 -23.81 -7.00
CA THR A 215 -8.23 -23.48 -6.16
C THR A 215 -7.44 -22.30 -6.74
N LYS A 216 -7.32 -21.21 -5.99
CA LYS A 216 -6.72 -20.01 -6.44
C LYS A 216 -5.22 -20.17 -6.45
N GLY A 217 -4.58 -19.79 -7.55
CA GLY A 217 -3.14 -19.84 -7.64
C GLY A 217 -2.50 -18.59 -7.07
N PRO A 218 -1.18 -18.46 -7.25
CA PRO A 218 -0.45 -17.33 -6.63
C PRO A 218 -0.83 -15.98 -7.30
N ASP A 219 -0.67 -14.90 -6.56
CA ASP A 219 -1.13 -13.60 -7.03
C ASP A 219 -0.18 -13.09 -8.10
N VAL A 220 -0.75 -12.52 -9.16
CA VAL A 220 0.04 -11.91 -10.21
C VAL A 220 0.46 -10.50 -9.72
N PRO A 221 1.75 -10.12 -9.90
CA PRO A 221 2.20 -8.78 -9.45
C PRO A 221 1.56 -7.60 -10.18
N GLU A 222 1.13 -6.60 -9.40
CA GLU A 222 0.35 -5.43 -9.85
C GLU A 222 1.24 -4.52 -10.64
N THR A 223 0.77 -4.08 -11.80
CA THR A 223 1.57 -3.20 -12.63
C THR A 223 0.81 -1.89 -12.93
N ASN A 224 1.53 -0.91 -13.47
CA ASN A 224 0.91 0.36 -13.79
C ASN A 224 1.56 0.88 -15.07
N GLN A 225 1.29 0.21 -16.17
CA GLN A 225 1.82 0.64 -17.46
C GLN A 225 0.84 1.45 -18.33
N GLN A 226 -0.48 1.29 -18.09
CA GLN A 226 -1.51 1.92 -18.91
C GLN A 226 -1.47 3.43 -18.72
N CYS A 227 -1.42 3.87 -17.47
CA CYS A 227 -1.38 5.28 -17.09
C CYS A 227 -0.24 5.57 -16.11
N PRO A 228 0.99 5.81 -16.61
CA PRO A 228 2.15 5.90 -15.66
C PRO A 228 2.21 7.18 -14.84
N SER A 229 1.58 8.25 -15.32
CA SER A 229 1.50 9.50 -14.59
C SER A 229 0.55 9.48 -13.39
N ASN A 230 -0.37 8.51 -13.33
CA ASN A 230 -1.34 8.43 -12.23
C ASN A 230 -0.87 7.47 -11.13
N THR A 231 -1.30 7.76 -9.91
CA THR A 231 -0.89 7.05 -8.73
C THR A 231 -2.15 6.65 -8.02
N GLY A 232 -2.21 5.39 -7.60
CA GLY A 232 -3.35 4.87 -6.83
C GLY A 232 -4.10 3.75 -7.57
N MET A 233 -3.83 3.62 -8.87
CA MET A 233 -4.50 2.63 -9.67
C MET A 233 -3.49 1.75 -10.33
N THR A 234 -3.92 0.52 -10.64
CA THR A 234 -3.10 -0.49 -11.26
C THR A 234 -3.86 -1.04 -12.43
N ASP A 235 -3.13 -1.70 -13.33
CA ASP A 235 -3.67 -2.23 -14.56
C ASP A 235 -4.74 -3.28 -14.33
N SER A 236 -4.62 -4.07 -13.27
CA SER A 236 -5.56 -5.12 -13.03
C SER A 236 -6.91 -4.50 -12.73
N VAL A 237 -6.91 -3.45 -11.89
CA VAL A 237 -8.16 -2.77 -11.49
C VAL A 237 -8.83 -2.07 -12.67
N ARG A 238 -8.02 -1.46 -13.55
CA ARG A 238 -8.51 -0.81 -14.75
C ARG A 238 -9.26 -1.84 -15.58
N ASP A 239 -8.62 -2.96 -15.86
CA ASP A 239 -9.23 -4.01 -16.71
C ASP A 239 -10.49 -4.62 -16.06
N THR A 240 -10.53 -4.67 -14.74
CA THR A 240 -11.74 -5.08 -14.11
C THR A 240 -12.92 -4.14 -14.44
N PHE A 241 -12.78 -2.85 -14.16
CA PHE A 241 -13.84 -1.90 -14.49
C PHE A 241 -14.22 -1.96 -15.95
N LEU A 242 -13.22 -2.04 -16.83
CA LEU A 242 -13.42 -1.88 -18.25
C LEU A 242 -14.15 -3.08 -18.81
N SER A 243 -13.72 -4.28 -18.42
CA SER A 243 -14.33 -5.53 -18.87
C SER A 243 -15.73 -5.70 -18.29
N VAL A 244 -15.91 -5.43 -17.00
CA VAL A 244 -17.26 -5.50 -16.40
C VAL A 244 -18.21 -4.50 -17.06
N HIS A 245 -17.76 -3.29 -17.34
CA HIS A 245 -18.58 -2.35 -18.11
C HIS A 245 -18.98 -2.84 -19.46
N ASN A 246 -17.99 -3.20 -20.24
CA ASN A 246 -18.21 -3.63 -21.61
C ASN A 246 -19.02 -4.86 -21.78
N GLU A 247 -18.85 -5.83 -20.87
CA GLU A 247 -19.58 -7.04 -20.91
C GLU A 247 -21.08 -6.84 -20.61
N PHE A 248 -21.37 -5.91 -19.71
CA PHE A 248 -22.72 -5.51 -19.45
C PHE A 248 -23.31 -4.73 -20.63
N ARG A 249 -22.54 -3.82 -21.22
CA ARG A 249 -23.04 -3.10 -22.40
C ARG A 249 -23.26 -4.06 -23.58
N SER A 250 -22.38 -5.07 -23.71
CA SER A 250 -22.56 -6.08 -24.76
C SER A 250 -23.86 -6.88 -24.56
N SER A 251 -24.07 -7.32 -23.31
CA SER A 251 -25.23 -8.03 -22.94
C SER A 251 -26.51 -7.24 -23.17
N VAL A 252 -26.51 -5.98 -22.75
CA VAL A 252 -27.70 -5.15 -22.89
C VAL A 252 -28.01 -4.81 -24.34
N ALA A 253 -26.99 -4.62 -25.18
CA ALA A 253 -27.24 -4.30 -26.56
C ALA A 253 -27.89 -5.45 -27.31
N ARG A 254 -27.66 -6.67 -26.86
CA ARG A 254 -28.12 -7.86 -27.56
C ARG A 254 -29.43 -8.38 -27.01
N GLY A 255 -30.03 -7.61 -26.11
CA GLY A 255 -31.38 -7.92 -25.60
C GLY A 255 -31.36 -8.95 -24.51
N LEU A 256 -30.24 -9.05 -23.78
CA LEU A 256 -30.13 -10.17 -22.84
C LEU A 256 -30.35 -9.82 -21.38
N GLU A 257 -30.45 -8.51 -21.07
CA GLU A 257 -30.44 -8.07 -19.67
C GLU A 257 -31.91 -7.98 -19.14
N PRO A 258 -32.24 -8.62 -18.00
CA PRO A 258 -33.61 -8.51 -17.47
C PRO A 258 -33.99 -7.14 -16.94
N ASP A 259 -35.26 -6.75 -17.12
CA ASP A 259 -35.73 -5.46 -16.72
C ASP A 259 -36.85 -5.70 -15.72
N ALA A 260 -36.77 -5.06 -14.55
CA ALA A 260 -37.84 -5.21 -13.53
C ALA A 260 -39.19 -4.68 -14.02
N LEU A 261 -39.19 -3.88 -15.07
CA LEU A 261 -40.42 -3.29 -15.59
C LEU A 261 -41.07 -4.10 -16.71
N GLY A 262 -40.39 -5.17 -17.14
CA GLY A 262 -41.02 -6.16 -18.00
C GLY A 262 -40.05 -6.74 -19.02
N GLY A 263 -39.86 -8.06 -19.00
CA GLY A 263 -39.08 -8.76 -20.04
C GLY A 263 -37.63 -8.35 -19.93
N ASN A 264 -36.96 -8.23 -21.07
CA ASN A 264 -35.59 -7.74 -21.12
C ASN A 264 -35.56 -6.29 -21.62
N ALA A 265 -34.43 -5.62 -21.35
CA ALA A 265 -34.19 -4.31 -21.93
C ALA A 265 -33.92 -4.48 -23.42
N PRO A 266 -34.35 -3.51 -24.23
CA PRO A 266 -34.41 -3.63 -25.66
C PRO A 266 -33.00 -3.68 -26.24
N LYS A 267 -32.92 -4.23 -27.44
CA LYS A 267 -31.68 -4.21 -28.20
C LYS A 267 -31.20 -2.78 -28.56
N ALA A 268 -29.89 -2.60 -28.56
CA ALA A 268 -29.27 -1.28 -28.78
C ALA A 268 -28.73 -1.26 -30.18
N ALA A 269 -29.02 -0.18 -30.93
CA ALA A 269 -28.54 -0.06 -32.32
C ALA A 269 -27.11 0.46 -32.46
N LYS A 270 -26.67 1.32 -31.55
CA LYS A 270 -25.32 1.91 -31.68
C LYS A 270 -24.59 2.09 -30.34
N MET A 271 -24.45 0.97 -29.62
CA MET A 271 -23.80 0.92 -28.32
C MET A 271 -22.31 0.90 -28.46
N LEU A 272 -21.66 1.97 -28.06
CA LEU A 272 -20.22 2.09 -28.26
C LEU A 272 -19.41 1.28 -27.24
N LYS A 273 -18.29 0.75 -27.70
CA LYS A 273 -17.39 0.00 -26.83
C LYS A 273 -16.57 0.99 -26.05
N MET A 274 -16.52 0.84 -24.74
CA MET A 274 -15.72 1.76 -23.91
C MET A 274 -14.23 1.49 -24.01
N VAL A 275 -13.48 2.57 -23.95
CA VAL A 275 -12.03 2.49 -23.83
C VAL A 275 -11.62 3.16 -22.50
N TYR A 276 -10.58 2.63 -21.86
CA TYR A 276 -9.98 3.21 -20.69
C TYR A 276 -9.19 4.51 -21.01
N ASP A 277 -9.36 5.55 -20.20
CA ASP A 277 -8.79 6.86 -20.51
C ASP A 277 -8.10 7.40 -19.29
N CYS A 278 -6.80 7.65 -19.45
CA CYS A 278 -5.98 8.09 -18.34
C CYS A 278 -6.40 9.40 -17.72
N GLU A 279 -6.81 10.35 -18.56
CA GLU A 279 -7.20 11.69 -18.10
C GLU A 279 -8.49 11.61 -17.27
N VAL A 280 -9.40 10.75 -17.72
CA VAL A 280 -10.65 10.57 -17.07
C VAL A 280 -10.32 9.86 -15.76
N GLU A 281 -9.32 8.99 -15.76
CA GLU A 281 -8.89 8.39 -14.51
C GLU A 281 -8.31 9.44 -13.55
N ALA A 282 -7.49 10.33 -14.07
CA ALA A 282 -6.78 11.31 -13.23
C ALA A 282 -7.85 12.19 -12.60
N SER A 283 -8.95 12.42 -13.34
CA SER A 283 -10.03 13.22 -12.80
C SER A 283 -10.82 12.43 -11.74
N ALA A 284 -10.99 11.14 -11.96
CA ALA A 284 -11.64 10.38 -10.89
C ALA A 284 -10.77 10.24 -9.65
N ILE A 285 -9.45 10.15 -9.83
CA ILE A 285 -8.48 10.08 -8.74
C ILE A 285 -8.50 11.33 -7.86
N ARG A 286 -8.63 12.51 -8.46
CA ARG A 286 -8.69 13.76 -7.74
C ARG A 286 -9.83 13.87 -6.78
N HIS A 287 -11.00 13.42 -7.24
CA HIS A 287 -12.15 13.37 -6.43
C HIS A 287 -12.12 12.23 -5.39
N GLY A 288 -11.73 11.05 -5.84
CA GLY A 288 -11.49 9.95 -4.90
C GLY A 288 -10.62 10.31 -3.69
N ASN A 289 -9.48 10.96 -3.91
CA ASN A 289 -8.49 11.30 -2.82
C ASN A 289 -9.05 12.25 -1.72
N LYS A 290 -10.14 12.92 -2.02
CA LYS A 290 -10.78 13.80 -1.03
C LYS A 290 -11.51 13.07 0.07
N CYS A 291 -11.93 11.83 -0.21
CA CYS A 291 -12.48 10.93 0.82
C CYS A 291 -13.81 11.39 1.41
N VAL A 292 -14.48 12.26 0.65
CA VAL A 292 -15.84 12.60 0.98
C VAL A 292 -16.86 11.85 0.03
N TYR A 293 -17.66 10.99 0.64
CA TYR A 293 -18.64 10.21 -0.11
C TYR A 293 -19.78 11.06 -0.69
N GLN A 294 -19.54 11.65 -1.85
CA GLN A 294 -20.57 12.44 -2.49
C GLN A 294 -20.12 12.65 -3.94
N HIS A 295 -20.98 13.20 -4.76
CA HIS A 295 -20.54 13.58 -6.11
C HIS A 295 -19.58 14.72 -6.09
N SER A 296 -18.58 14.67 -6.97
CA SER A 296 -17.86 15.87 -7.33
C SER A 296 -18.77 16.87 -8.06
N HIS A 297 -18.39 18.13 -7.98
CA HIS A 297 -19.09 19.14 -8.77
C HIS A 297 -18.80 18.87 -10.25
N GLY A 298 -19.80 19.11 -11.09
CA GLY A 298 -19.70 18.87 -12.51
C GLY A 298 -18.62 19.68 -13.20
N GLU A 299 -18.26 20.82 -12.61
CA GLU A 299 -17.19 21.66 -13.17
C GLU A 299 -15.82 21.12 -12.82
N ASP A 300 -15.77 20.33 -11.77
CA ASP A 300 -14.54 19.62 -11.41
C ASP A 300 -14.25 18.36 -12.29
N ARG A 301 -15.29 17.88 -12.98
CA ARG A 301 -15.14 16.85 -14.00
C ARG A 301 -15.84 17.32 -15.29
N PRO A 302 -15.25 18.31 -16.01
CA PRO A 302 -16.01 19.00 -17.06
C PRO A 302 -16.36 18.06 -18.22
N GLY A 303 -17.65 18.01 -18.55
CA GLY A 303 -18.23 17.14 -19.57
C GLY A 303 -18.18 15.62 -19.24
N LEU A 304 -18.23 15.27 -17.96
CA LEU A 304 -18.06 13.89 -17.50
C LEU A 304 -19.18 13.51 -16.59
N GLY A 305 -19.68 12.30 -16.77
CA GLY A 305 -20.65 11.68 -15.83
C GLY A 305 -19.90 10.98 -14.68
N GLU A 306 -20.61 10.47 -13.67
CA GLU A 306 -19.94 9.98 -12.45
C GLU A 306 -20.78 8.99 -11.71
N ASN A 307 -20.14 7.92 -11.30
CA ASN A 307 -20.72 6.91 -10.40
C ASN A 307 -19.90 6.75 -9.13
N ILE A 308 -20.52 6.75 -7.95
CA ILE A 308 -19.76 6.58 -6.71
C ILE A 308 -20.19 5.33 -5.96
N TYR A 309 -19.28 4.84 -5.14
CA TYR A 309 -19.50 3.62 -4.35
C TYR A 309 -18.68 3.68 -3.03
N LYS A 310 -19.24 3.22 -1.91
CA LYS A 310 -18.41 2.93 -0.74
C LYS A 310 -18.78 1.60 -0.10
N THR A 311 -17.84 1.05 0.64
CA THR A 311 -18.17 -0.09 1.49
C THR A 311 -17.46 0.07 2.84
N SER A 312 -18.18 -0.30 3.91
CA SER A 312 -17.73 -0.26 5.27
C SER A 312 -16.42 -0.99 5.46
N VAL A 313 -16.18 -2.05 4.69
CA VAL A 313 -14.88 -2.81 4.71
C VAL A 313 -13.68 -1.96 4.35
N LEU A 314 -12.69 -1.88 5.23
CA LEU A 314 -11.55 -1.00 5.00
C LEU A 314 -10.49 -1.68 4.22
N LYS A 315 -9.81 -0.92 3.37
CA LYS A 315 -8.74 -1.45 2.53
C LYS A 315 -9.18 -2.67 1.68
N PHE A 316 -10.42 -2.59 1.19
CA PHE A 316 -11.03 -3.72 0.45
C PHE A 316 -10.31 -3.96 -0.86
N ASP A 317 -10.02 -5.21 -1.15
CA ASP A 317 -9.30 -5.51 -2.37
C ASP A 317 -9.84 -4.64 -3.56
N LYS A 318 -8.93 -3.97 -4.27
CA LYS A 318 -9.34 -3.01 -5.26
C LYS A 318 -10.13 -3.67 -6.42
N ASN A 319 -9.71 -4.86 -6.87
CA ASN A 319 -10.43 -5.61 -7.91
C ASN A 319 -11.80 -6.11 -7.46
N LYS A 320 -11.88 -6.62 -6.23
CA LYS A 320 -13.14 -6.99 -5.61
C LYS A 320 -14.05 -5.75 -5.49
N ALA A 321 -13.48 -4.63 -5.04
CA ALA A 321 -14.27 -3.39 -4.93
C ALA A 321 -14.70 -2.90 -6.31
N ALA A 322 -13.90 -3.13 -7.35
CA ALA A 322 -14.25 -2.63 -8.70
C ALA A 322 -15.44 -3.48 -9.26
N LYS A 323 -15.48 -4.78 -8.95
CA LYS A 323 -16.43 -5.69 -9.55
C LYS A 323 -17.76 -5.49 -8.81
N GLN A 324 -17.67 -5.41 -7.49
CA GLN A 324 -18.84 -5.18 -6.67
C GLN A 324 -19.52 -3.80 -7.01
N ALA A 325 -18.74 -2.77 -7.23
CA ALA A 325 -19.28 -1.42 -7.45
C ALA A 325 -19.98 -1.44 -8.76
N SER A 326 -19.31 -1.94 -9.78
CA SER A 326 -19.86 -2.03 -11.11
C SER A 326 -21.22 -2.77 -11.14
N GLN A 327 -21.32 -3.86 -10.35
CA GLN A 327 -22.51 -4.72 -10.40
C GLN A 327 -23.65 -4.06 -9.64
N LEU A 328 -23.33 -3.42 -8.51
CA LEU A 328 -24.36 -2.71 -7.70
C LEU A 328 -24.94 -1.56 -8.53
N TRP A 329 -24.10 -0.85 -9.24
CA TRP A 329 -24.63 0.18 -10.16
C TRP A 329 -25.53 -0.41 -11.25
N TRP A 330 -25.06 -1.51 -11.90
CA TRP A 330 -25.78 -2.18 -12.97
C TRP A 330 -27.11 -2.79 -12.55
N ASN A 331 -27.15 -3.36 -11.33
CA ASN A 331 -28.31 -4.04 -10.79
C ASN A 331 -29.57 -3.23 -10.75
N GLU A 332 -29.45 -1.91 -10.82
CA GLU A 332 -30.62 -1.04 -10.86
C GLU A 332 -31.69 -1.41 -11.88
N LEU A 333 -31.23 -1.97 -12.99
CA LEU A 333 -32.10 -2.30 -14.08
C LEU A 333 -33.00 -3.44 -13.70
N LYS A 334 -32.41 -4.48 -13.09
CA LYS A 334 -33.19 -5.66 -12.78
C LYS A 334 -33.96 -5.44 -11.46
N GLU A 335 -33.50 -4.47 -10.65
CA GLU A 335 -34.16 -4.21 -9.37
C GLU A 335 -35.34 -3.25 -9.42
N TYR A 336 -35.15 -2.15 -10.14
CA TYR A 336 -36.12 -1.09 -10.21
C TYR A 336 -36.76 -0.92 -11.56
N GLY A 337 -35.96 -0.90 -12.62
CA GLY A 337 -36.44 -1.01 -13.96
C GLY A 337 -36.42 0.31 -14.70
N VAL A 338 -36.47 0.22 -16.02
CA VAL A 338 -36.54 1.38 -16.93
C VAL A 338 -37.83 1.32 -17.80
N GLY A 339 -38.09 0.19 -18.44
CA GLY A 339 -39.26 0.02 -19.29
C GLY A 339 -38.85 0.02 -20.78
N PRO A 340 -39.77 -0.34 -21.70
CA PRO A 340 -39.49 -0.51 -23.10
C PRO A 340 -39.24 0.81 -23.86
N SER A 341 -39.73 1.94 -23.38
CA SER A 341 -39.41 3.24 -24.05
C SER A 341 -37.92 3.56 -23.85
N ASN A 342 -37.31 2.98 -22.82
CA ASN A 342 -35.88 3.24 -22.55
C ASN A 342 -35.52 4.70 -22.24
N VAL A 343 -36.49 5.52 -21.86
CA VAL A 343 -36.24 6.93 -21.62
C VAL A 343 -35.99 7.19 -20.11
N LEU A 344 -34.95 7.98 -19.83
CA LEU A 344 -34.69 8.41 -18.50
C LEU A 344 -35.56 9.62 -18.14
N THR A 345 -36.68 9.34 -17.47
CA THR A 345 -37.68 10.34 -17.13
C THR A 345 -37.61 10.76 -15.67
N THR A 346 -38.14 11.95 -15.40
CA THR A 346 -38.20 12.47 -14.05
C THR A 346 -39.18 11.61 -13.25
N ALA A 347 -40.20 11.04 -13.92
CA ALA A 347 -41.14 10.10 -13.30
C ALA A 347 -40.47 8.82 -12.77
N LEU A 348 -39.55 8.23 -13.56
CA LEU A 348 -38.76 7.06 -13.09
C LEU A 348 -37.69 7.44 -12.08
N TRP A 349 -37.14 8.64 -12.23
CA TRP A 349 -36.11 9.17 -11.31
C TRP A 349 -36.69 9.36 -9.90
N ASN A 350 -37.83 10.03 -9.83
CA ASN A 350 -38.37 10.46 -8.58
C ASN A 350 -39.12 9.35 -7.83
N ARG A 351 -38.95 8.11 -8.29
CA ARG A 351 -39.61 6.98 -7.65
C ARG A 351 -39.07 6.82 -6.23
N PRO A 352 -39.97 6.59 -5.28
CA PRO A 352 -39.53 6.57 -3.89
C PRO A 352 -38.65 5.34 -3.63
N ASN A 353 -37.40 5.57 -3.20
CA ASN A 353 -36.45 4.51 -2.74
C ASN A 353 -35.93 3.68 -3.88
N MET A 354 -35.85 4.32 -5.04
CA MET A 354 -35.48 3.66 -6.28
C MET A 354 -34.56 4.60 -7.02
N GLN A 355 -33.30 4.20 -7.16
CA GLN A 355 -32.35 4.96 -8.01
C GLN A 355 -31.98 4.18 -9.25
N ILE A 356 -31.79 4.86 -10.38
CA ILE A 356 -31.56 4.17 -11.65
C ILE A 356 -30.40 4.80 -12.43
N GLY A 357 -29.87 5.89 -11.90
CA GLY A 357 -28.97 6.73 -12.66
C GLY A 357 -27.56 6.17 -12.79
N HIS A 358 -27.16 5.31 -11.86
CA HIS A 358 -25.89 4.60 -12.04
C HIS A 358 -25.86 3.58 -13.18
N TYR A 359 -26.91 2.76 -13.29
CA TYR A 359 -27.13 1.91 -14.43
C TYR A 359 -27.20 2.71 -15.78
N THR A 360 -27.92 3.81 -15.84
CA THR A 360 -28.14 4.55 -17.08
C THR A 360 -26.82 5.05 -17.64
N GLN A 361 -25.98 5.59 -16.77
CA GLN A 361 -24.68 6.04 -17.21
C GLN A 361 -23.81 4.90 -17.68
N MET A 362 -23.95 3.73 -17.08
CA MET A 362 -23.17 2.58 -17.56
C MET A 362 -23.64 2.11 -18.98
N ALA A 363 -24.95 2.18 -19.23
CA ALA A 363 -25.54 1.71 -20.46
C ALA A 363 -25.65 2.82 -21.51
N TRP A 364 -25.21 4.03 -21.19
CA TRP A 364 -25.37 5.20 -22.10
C TRP A 364 -24.56 5.06 -23.40
N ASP A 365 -25.26 5.03 -24.54
CA ASP A 365 -24.59 4.62 -25.76
C ASP A 365 -23.54 5.57 -26.25
N THR A 366 -23.75 6.88 -26.06
CA THR A 366 -22.76 7.89 -26.51
C THR A 366 -21.56 7.99 -25.59
N THR A 367 -21.70 7.54 -24.35
CA THR A 367 -20.57 7.44 -23.42
C THR A 367 -19.58 6.31 -23.83
N TYR A 368 -18.27 6.62 -23.94
CA TYR A 368 -17.27 5.64 -24.39
C TYR A 368 -15.87 5.72 -23.69
N LYS A 369 -15.59 6.78 -22.92
CA LYS A 369 -14.36 6.84 -22.13
C LYS A 369 -14.68 6.58 -20.66
N LEU A 370 -13.96 5.61 -20.12
CA LEU A 370 -14.08 5.24 -18.76
C LEU A 370 -12.73 5.56 -18.05
N GLY A 371 -12.78 6.04 -16.82
CA GLY A 371 -11.60 6.22 -15.90
C GLY A 371 -12.08 6.14 -14.48
N CYS A 372 -11.53 5.21 -13.69
CA CYS A 372 -12.05 4.95 -12.33
C CYS A 372 -10.96 5.08 -11.26
N ALA A 373 -11.38 5.17 -10.00
CA ALA A 373 -10.46 5.15 -8.88
C ALA A 373 -11.00 4.35 -7.72
N VAL A 374 -10.12 3.66 -6.98
CA VAL A 374 -10.51 3.03 -5.73
C VAL A 374 -9.51 3.53 -4.68
N VAL A 375 -10.04 4.22 -3.66
CA VAL A 375 -9.20 4.97 -2.71
C VAL A 375 -9.47 4.37 -1.33
N PHE A 376 -8.41 4.07 -0.58
CA PHE A 376 -8.62 3.58 0.80
C PHE A 376 -8.75 4.77 1.73
N CYS A 377 -9.96 5.05 2.18
CA CYS A 377 -10.19 6.14 3.08
C CYS A 377 -10.24 5.55 4.49
N ASN A 378 -10.09 6.38 5.52
CA ASN A 378 -9.99 5.84 6.87
C ASN A 378 -11.35 5.34 7.45
N ASP A 379 -12.37 5.52 6.65
CA ASP A 379 -13.73 5.34 7.09
C ASP A 379 -14.51 4.31 6.17
N PHE A 380 -13.94 4.02 5.01
CA PHE A 380 -14.61 3.19 4.00
C PHE A 380 -13.66 3.08 2.86
N THR A 381 -13.82 2.04 2.04
CA THR A 381 -13.14 1.96 0.74
C THR A 381 -14.06 2.72 -0.27
N PHE A 382 -13.50 3.68 -0.99
CA PHE A 382 -14.24 4.62 -1.85
C PHE A 382 -13.95 4.33 -3.31
N GLY A 383 -15.01 4.14 -4.12
CA GLY A 383 -14.87 3.79 -5.53
C GLY A 383 -15.57 4.86 -6.39
N VAL A 384 -14.85 5.45 -7.33
CA VAL A 384 -15.37 6.53 -8.21
C VAL A 384 -15.11 6.13 -9.67
N CYS A 385 -16.14 6.12 -10.51
CA CYS A 385 -15.88 6.05 -11.94
C CYS A 385 -16.46 7.28 -12.67
N GLN A 386 -15.75 7.72 -13.70
CA GLN A 386 -16.17 8.91 -14.47
C GLN A 386 -16.25 8.55 -15.93
N TYR A 387 -17.05 9.27 -16.66
CA TYR A 387 -17.64 8.79 -17.90
C TYR A 387 -17.68 9.90 -18.91
N GLY A 388 -17.01 9.72 -20.04
CA GLY A 388 -16.94 10.74 -21.06
C GLY A 388 -17.40 10.23 -22.42
N PRO A 389 -18.23 11.03 -23.14
CA PRO A 389 -18.71 12.31 -22.66
C PRO A 389 -19.84 12.32 -21.56
N GLY A 390 -20.51 11.24 -21.28
CA GLY A 390 -21.32 11.46 -20.06
C GLY A 390 -22.78 11.62 -20.46
N GLY A 391 -23.64 10.88 -19.79
CA GLY A 391 -25.03 10.73 -20.19
C GLY A 391 -25.99 11.30 -19.17
N ASN A 392 -27.05 10.58 -18.87
CA ASN A 392 -28.03 10.99 -17.91
C ASN A 392 -28.65 12.33 -18.29
N TYR A 393 -28.85 12.49 -19.59
CA TYR A 393 -29.70 13.56 -20.05
C TYR A 393 -31.18 13.25 -19.75
N MET A 394 -31.82 14.08 -18.93
CA MET A 394 -33.22 13.89 -18.51
C MET A 394 -34.18 14.10 -19.66
N GLY A 395 -34.98 13.06 -19.90
CA GLY A 395 -35.97 13.04 -20.96
C GLY A 395 -35.42 12.38 -22.22
N HIS A 396 -34.18 11.90 -22.17
CA HIS A 396 -33.54 11.28 -23.36
C HIS A 396 -33.44 9.76 -23.20
N VAL A 397 -33.47 9.01 -24.31
CA VAL A 397 -33.27 7.59 -24.25
C VAL A 397 -31.84 7.26 -23.74
N ILE A 398 -31.71 6.17 -23.00
CA ILE A 398 -30.41 5.76 -22.46
C ILE A 398 -29.55 5.27 -23.64
N TYR A 399 -30.18 4.56 -24.56
CA TYR A 399 -29.49 4.13 -25.78
C TYR A 399 -30.51 4.02 -26.92
N THR A 400 -30.04 4.25 -28.16
CA THR A 400 -30.88 4.17 -29.35
C THR A 400 -31.19 2.70 -29.61
N MET A 401 -32.46 2.46 -29.84
CA MET A 401 -33.02 1.17 -29.92
C MET A 401 -33.11 0.62 -31.35
N GLY A 402 -32.66 -0.62 -31.50
CA GLY A 402 -32.66 -1.28 -32.84
C GLY A 402 -31.70 -2.47 -32.87
N GLN A 403 -31.55 -3.10 -34.02
CA GLN A 403 -30.72 -4.28 -34.09
C GLN A 403 -29.24 -3.91 -33.86
N PRO A 404 -28.49 -4.73 -33.10
CA PRO A 404 -27.08 -4.43 -32.85
C PRO A 404 -26.25 -4.17 -34.10
N CYS A 405 -25.46 -3.09 -34.05
CA CYS A 405 -24.53 -2.66 -35.09
C CYS A 405 -25.20 -1.92 -36.26
N SER A 406 -26.53 -1.88 -36.22
CA SER A 406 -27.36 -1.28 -37.30
C SER A 406 -27.06 0.15 -37.58
N GLN A 407 -26.74 0.91 -36.52
CA GLN A 407 -26.64 2.35 -36.58
C GLN A 407 -25.29 2.84 -36.16
N CYS A 408 -24.29 1.94 -36.15
CA CYS A 408 -22.85 2.33 -35.92
C CYS A 408 -22.35 3.33 -36.97
N SER A 409 -21.52 4.25 -36.52
CA SER A 409 -20.93 5.27 -37.35
C SER A 409 -20.21 4.68 -38.62
N PRO A 410 -20.44 5.29 -39.81
CA PRO A 410 -19.93 4.84 -41.10
C PRO A 410 -18.66 4.02 -41.11
N GLY A 411 -17.61 4.47 -40.44
CA GLY A 411 -16.39 3.67 -40.50
C GLY A 411 -16.10 2.74 -39.34
N ALA A 412 -17.11 2.32 -38.59
CA ALA A 412 -16.80 1.57 -37.36
C ALA A 412 -16.98 0.08 -37.55
N THR A 413 -16.33 -0.74 -36.71
CA THR A 413 -16.52 -2.18 -36.78
C THR A 413 -17.44 -2.62 -35.63
N CYS A 414 -18.14 -3.72 -35.88
CA CYS A 414 -19.09 -4.28 -34.98
C CYS A 414 -19.40 -5.72 -35.37
N SER A 415 -19.30 -6.62 -34.40
CA SER A 415 -19.81 -7.96 -34.58
C SER A 415 -21.17 -8.22 -33.90
N VAL A 416 -22.04 -9.00 -34.53
CA VAL A 416 -23.37 -9.24 -33.99
C VAL A 416 -23.34 -10.13 -32.77
N THR A 417 -22.23 -10.82 -32.55
CA THR A 417 -22.12 -11.64 -31.37
C THR A 417 -21.67 -10.85 -30.14
N GLU A 418 -21.22 -9.61 -30.34
CA GLU A 418 -20.86 -8.69 -29.23
C GLU A 418 -21.79 -7.43 -29.18
N GLY A 419 -22.00 -6.77 -30.32
CA GLY A 419 -23.00 -5.71 -30.45
C GLY A 419 -22.51 -4.36 -30.00
N LEU A 420 -21.21 -4.12 -30.14
CA LEU A 420 -20.54 -2.88 -29.71
C LEU A 420 -19.78 -2.21 -30.85
N CYS A 421 -20.13 -0.95 -31.14
CA CYS A 421 -19.42 -0.17 -32.16
C CYS A 421 -18.03 0.27 -31.67
N SER A 422 -16.99 0.00 -32.45
CA SER A 422 -15.63 0.25 -32.03
C SER A 422 -14.89 0.81 -33.22
N ALA A 423 -14.01 1.75 -32.95
CA ALA A 423 -12.97 2.06 -33.95
C ALA A 423 -11.52 1.76 -33.45
N PRO A 424 -11.22 2.00 -32.12
CA PRO A 424 -9.85 1.64 -31.58
C PRO A 424 -9.57 0.12 -31.43
N SER B 24 12.06 15.26 -23.84
CA SER B 24 10.64 15.09 -24.34
C SER B 24 9.57 14.90 -23.23
N PHE B 25 10.02 14.38 -22.06
CA PHE B 25 9.25 14.25 -20.79
C PHE B 25 8.04 13.31 -20.75
N GLY B 26 7.03 13.60 -21.55
CA GLY B 26 5.98 12.64 -21.77
C GLY B 26 5.03 12.63 -20.62
N CYS B 27 4.92 13.76 -19.92
CA CYS B 27 3.97 13.90 -18.82
C CYS B 27 2.63 14.41 -19.34
N SER B 28 1.54 13.87 -18.80
CA SER B 28 0.18 14.22 -19.22
C SER B 28 -0.32 15.61 -18.73
N ASN B 29 0.28 16.14 -17.65
CA ASN B 29 -0.10 17.40 -17.03
C ASN B 29 0.13 18.57 -18.00
N SER B 30 -0.88 19.44 -18.13
CA SER B 30 -0.81 20.68 -18.91
C SER B 30 -0.62 21.91 -17.99
N GLY B 31 -0.55 21.71 -16.68
CA GLY B 31 -0.36 22.83 -15.76
C GLY B 31 0.92 23.57 -15.99
N ILE B 32 1.95 22.88 -16.49
CA ILE B 32 3.22 23.51 -16.85
C ILE B 32 3.71 22.93 -18.14
N THR B 33 4.72 23.57 -18.74
CA THR B 33 5.22 23.18 -20.05
C THR B 33 6.51 22.38 -19.94
N ASP B 34 6.88 21.66 -21.00
CA ASP B 34 8.21 21.00 -21.03
C ASP B 34 9.39 21.96 -20.80
N SER B 35 9.28 23.16 -21.35
CA SER B 35 10.27 24.19 -21.16
C SER B 35 10.45 24.47 -19.66
N ASP B 36 9.35 24.45 -18.92
CA ASP B 36 9.39 24.65 -17.49
C ASP B 36 10.09 23.50 -16.78
N ARG B 37 9.70 22.30 -17.21
CA ARG B 37 10.18 21.04 -16.65
C ARG B 37 11.68 21.00 -16.80
N GLN B 38 12.16 21.48 -17.96
CA GLN B 38 13.57 21.45 -18.29
C GLN B 38 14.27 22.48 -17.41
N ALA B 39 13.63 23.61 -17.19
CA ALA B 39 14.26 24.65 -16.38
C ALA B 39 14.32 24.24 -14.90
N PHE B 40 13.29 23.61 -14.37
CA PHE B 40 13.32 23.09 -12.98
C PHE B 40 14.45 22.04 -12.84
N LEU B 41 14.47 21.08 -13.78
CA LEU B 41 15.40 19.98 -13.76
C LEU B 41 16.84 20.49 -13.87
N ASP B 42 17.06 21.40 -14.85
CA ASP B 42 18.39 21.88 -15.19
C ASP B 42 19.02 22.69 -14.05
N PHE B 43 18.20 23.53 -13.41
CA PHE B 43 18.68 24.29 -12.28
C PHE B 43 19.17 23.37 -11.15
N HIS B 44 18.39 22.34 -10.84
CA HIS B 44 18.81 21.34 -9.85
C HIS B 44 20.11 20.57 -10.17
N ASN B 45 20.24 20.13 -11.42
CA ASN B 45 21.37 19.34 -11.86
C ASN B 45 22.66 20.11 -11.96
N ASN B 46 22.66 21.28 -12.58
CA ASN B 46 23.74 22.19 -12.55
C ASN B 46 24.24 22.57 -11.14
N ALA B 47 23.30 22.79 -10.22
CA ALA B 47 23.65 23.23 -8.90
C ALA B 47 24.28 22.04 -8.12
N ARG B 48 23.73 20.84 -8.32
CA ARG B 48 24.31 19.66 -7.64
C ARG B 48 25.70 19.33 -8.22
N ARG B 49 25.95 19.71 -9.49
CA ARG B 49 27.22 19.39 -10.18
C ARG B 49 28.29 20.32 -9.65
N ARG B 50 27.94 21.60 -9.54
CA ARG B 50 28.80 22.59 -8.92
C ARG B 50 29.23 22.24 -7.51
N VAL B 51 28.31 21.69 -6.70
CA VAL B 51 28.71 21.28 -5.35
C VAL B 51 29.71 20.11 -5.51
N ALA B 52 29.32 19.11 -6.34
CA ALA B 52 30.10 17.92 -6.50
C ALA B 52 31.54 18.26 -6.85
N LYS B 53 31.71 19.21 -7.77
CA LYS B 53 33.02 19.61 -8.32
C LYS B 53 33.78 20.50 -7.38
N GLY B 54 33.11 20.93 -6.29
CA GLY B 54 33.72 21.78 -5.25
C GLY B 54 33.74 23.22 -5.68
N LEU B 55 32.72 23.67 -6.38
CA LEU B 55 32.78 25.01 -6.98
C LEU B 55 31.76 26.00 -6.44
N GLU B 56 30.87 25.52 -5.58
CA GLU B 56 29.73 26.30 -5.07
C GLU B 56 30.17 27.07 -3.83
N ASP B 57 29.79 28.33 -3.79
CA ASP B 57 30.18 29.23 -2.73
C ASP B 57 29.46 28.84 -1.47
N SER B 58 30.14 29.02 -0.36
CA SER B 58 29.54 28.95 0.96
C SER B 58 29.55 30.35 1.59
N ASN B 59 29.25 30.47 2.86
CA ASN B 59 29.23 31.76 3.44
C ASN B 59 30.65 32.34 3.54
N SER B 60 31.62 31.46 3.63
CA SER B 60 32.99 31.87 3.87
C SER B 60 33.86 31.43 2.77
N GLY B 61 33.90 30.18 2.42
CA GLY B 61 34.78 29.89 1.25
C GLY B 61 33.94 29.10 0.29
N LYS B 62 34.36 27.89 -0.01
CA LYS B 62 33.58 26.97 -0.85
C LYS B 62 33.01 25.79 -0.06
N LEU B 63 31.91 25.25 -0.55
CA LEU B 63 31.36 24.03 -0.04
C LEU B 63 32.24 22.81 -0.34
N ASN B 64 32.23 21.80 0.52
CA ASN B 64 32.96 20.59 0.21
C ASN B 64 32.49 19.95 -1.10
N PRO B 65 33.45 19.37 -1.84
CA PRO B 65 33.15 18.58 -3.00
C PRO B 65 32.38 17.30 -2.59
N ALA B 66 31.61 16.74 -3.52
CA ALA B 66 30.75 15.58 -3.28
C ALA B 66 31.09 14.36 -4.11
N LYS B 67 31.30 13.24 -3.43
CA LYS B 67 31.17 11.94 -4.06
C LYS B 67 29.70 11.44 -3.91
N ASN B 68 29.33 10.51 -4.78
CA ASN B 68 28.02 9.89 -4.81
C ASN B 68 26.85 10.85 -5.07
N MET B 69 27.10 11.97 -5.73
CA MET B 69 26.09 13.00 -5.97
C MET B 69 25.27 12.70 -7.19
N TYR B 70 24.04 12.26 -6.97
CA TYR B 70 23.20 11.77 -8.08
C TYR B 70 22.47 12.85 -8.87
N LYS B 71 22.56 12.74 -10.18
CA LYS B 71 21.76 13.52 -11.09
C LYS B 71 20.27 13.21 -10.92
N LEU B 72 19.40 14.22 -10.96
CA LEU B 72 17.97 13.99 -10.77
C LEU B 72 17.29 13.67 -12.08
N SER B 73 16.31 12.78 -12.03
CA SER B 73 15.47 12.48 -13.17
C SER B 73 14.09 13.01 -12.93
N TRP B 74 13.44 13.49 -13.96
CA TRP B 74 12.08 13.96 -13.80
C TRP B 74 11.17 12.74 -13.54
N ASP B 75 10.13 12.93 -12.75
CA ASP B 75 9.14 11.91 -12.52
C ASP B 75 7.78 12.56 -12.75
N CYS B 76 7.03 12.06 -13.75
CA CYS B 76 5.71 12.62 -14.14
C CYS B 76 4.66 12.37 -13.07
N ALA B 77 4.75 11.22 -12.38
CA ALA B 77 3.74 10.86 -11.39
C ALA B 77 3.87 11.71 -10.14
N MET B 78 5.10 12.04 -9.72
CA MET B 78 5.34 13.03 -8.69
C MET B 78 4.86 14.43 -9.10
N GLU B 79 5.16 14.86 -10.33
CA GLU B 79 4.67 16.12 -10.85
C GLU B 79 3.10 16.20 -10.74
N GLN B 80 2.41 15.12 -11.14
CA GLN B 80 0.94 15.10 -11.19
C GLN B 80 0.43 15.19 -9.80
N GLN B 81 1.00 14.41 -8.90
CA GLN B 81 0.56 14.49 -7.51
C GLN B 81 0.74 15.90 -6.93
N LEU B 82 1.89 16.56 -7.21
CA LEU B 82 2.08 17.91 -6.71
C LEU B 82 1.08 18.93 -7.31
N GLN B 83 0.88 18.83 -8.63
CA GLN B 83 -0.01 19.78 -9.34
C GLN B 83 -1.39 19.63 -8.77
N ASP B 84 -1.81 18.39 -8.52
CA ASP B 84 -3.11 18.17 -7.88
C ASP B 84 -3.23 18.81 -6.48
N ALA B 85 -2.11 18.89 -5.78
CA ALA B 85 -2.09 19.33 -4.39
C ALA B 85 -2.07 20.81 -4.25
N ILE B 86 -1.60 21.52 -5.28
CA ILE B 86 -1.45 22.96 -5.16
C ILE B 86 -2.47 23.68 -5.98
N GLN B 87 -3.56 22.97 -6.34
CA GLN B 87 -4.67 23.50 -7.09
C GLN B 87 -5.17 24.86 -6.63
N SER B 88 -5.42 24.99 -5.33
CA SER B 88 -5.88 26.23 -4.74
C SER B 88 -4.76 27.08 -4.11
N CYS B 89 -3.51 26.88 -4.52
CA CYS B 89 -2.37 27.61 -3.95
C CYS B 89 -2.34 27.62 -2.43
N PRO B 90 -2.37 26.43 -1.80
CA PRO B 90 -2.50 26.38 -0.35
C PRO B 90 -1.25 26.83 0.38
N SER B 91 -1.45 27.17 1.65
CA SER B 91 -0.37 27.56 2.53
C SER B 91 0.17 26.30 3.14
N GLY B 92 1.50 26.18 3.18
CA GLY B 92 2.13 25.08 3.91
C GLY B 92 2.45 23.92 3.00
N PHE B 93 2.45 22.73 3.60
CA PHE B 93 2.95 21.50 3.00
C PHE B 93 1.84 20.51 2.69
N ALA B 94 1.98 19.83 1.57
CA ALA B 94 0.89 19.02 1.00
C ALA B 94 0.71 17.71 1.71
N GLY B 95 1.78 17.26 2.34
CA GLY B 95 1.80 15.95 2.95
C GLY B 95 1.72 14.81 1.92
N ILE B 96 2.38 14.97 0.76
CA ILE B 96 2.43 13.93 -0.26
C ILE B 96 3.27 12.70 0.17
N GLN B 97 2.83 11.49 -0.18
CA GLN B 97 3.49 10.25 0.32
C GLN B 97 4.89 10.09 -0.27
N GLY B 98 5.82 9.65 0.57
CA GLY B 98 7.16 9.27 0.12
C GLY B 98 8.11 10.40 -0.28
N VAL B 99 7.74 11.65 -0.04
CA VAL B 99 8.55 12.73 -0.59
C VAL B 99 8.72 13.86 0.42
N ALA B 100 9.79 14.62 0.19
CA ALA B 100 10.03 15.89 0.83
C ALA B 100 9.55 16.99 -0.16
N GLN B 101 9.04 18.11 0.37
CA GLN B 101 8.54 19.21 -0.43
C GLN B 101 9.22 20.51 -0.11
N ASN B 102 9.55 21.28 -1.14
CA ASN B 102 9.95 22.70 -1.06
C ASN B 102 8.82 23.49 -1.68
N THR B 103 8.55 24.67 -1.10
CA THR B 103 7.41 25.48 -1.53
C THR B 103 7.73 26.96 -1.40
N MET B 104 7.07 27.77 -2.23
CA MET B 104 7.15 29.23 -2.18
C MET B 104 5.85 29.89 -2.71
N SER B 105 5.26 30.79 -1.94
CA SER B 105 4.10 31.59 -2.38
C SER B 105 4.54 33.01 -2.76
N TRP B 106 4.30 33.36 -4.01
CA TRP B 106 4.54 34.70 -4.50
C TRP B 106 3.23 35.48 -4.48
N SER B 107 3.33 36.79 -4.28
CA SER B 107 2.11 37.56 -4.28
C SER B 107 2.35 38.81 -5.08
N SER B 108 1.38 39.16 -5.94
CA SER B 108 1.40 40.40 -6.67
C SER B 108 0.02 40.84 -7.16
N SER B 109 -0.33 42.10 -6.87
CA SER B 109 -1.62 42.66 -7.33
C SER B 109 -1.68 42.72 -8.87
N GLY B 110 -0.53 42.87 -9.52
CA GLY B 110 -0.41 42.71 -10.99
C GLY B 110 -0.76 41.34 -11.61
N GLY B 111 -0.99 40.34 -10.75
CA GLY B 111 -1.21 38.95 -11.22
C GLY B 111 0.05 38.34 -11.82
N TYR B 112 -0.14 37.24 -12.56
CA TYR B 112 0.97 36.49 -13.14
C TYR B 112 0.72 36.05 -14.61
N PRO B 113 0.89 36.97 -15.57
CA PRO B 113 0.56 36.57 -16.92
C PRO B 113 1.58 35.58 -17.45
N ASP B 114 2.81 35.67 -16.96
CA ASP B 114 3.90 34.81 -17.39
C ASP B 114 4.58 34.15 -16.19
N PRO B 115 3.95 33.12 -15.58
CA PRO B 115 4.44 32.53 -14.32
C PRO B 115 5.81 31.87 -14.39
N SER B 116 6.21 31.43 -15.58
CA SER B 116 7.48 30.77 -15.79
C SER B 116 8.66 31.67 -15.42
N VAL B 117 8.45 33.00 -15.32
CA VAL B 117 9.58 33.91 -15.07
C VAL B 117 10.01 33.84 -13.62
N LYS B 118 9.11 33.28 -12.79
CA LYS B 118 9.34 33.12 -11.35
C LYS B 118 9.99 31.81 -10.98
N ILE B 119 10.43 31.04 -11.97
CA ILE B 119 10.96 29.73 -11.67
C ILE B 119 12.39 29.84 -11.12
N GLU B 120 13.18 30.71 -11.73
CA GLU B 120 14.56 30.86 -11.36
C GLU B 120 14.70 31.56 -10.00
N PRO B 121 13.95 32.63 -9.76
CA PRO B 121 14.02 33.28 -8.43
C PRO B 121 13.56 32.38 -7.31
N THR B 122 12.60 31.52 -7.56
CA THR B 122 12.15 30.58 -6.57
C THR B 122 13.27 29.55 -6.22
N LEU B 123 13.90 29.00 -7.24
CA LEU B 123 14.84 27.92 -7.01
C LEU B 123 16.14 28.53 -6.47
N SER B 124 16.51 29.73 -6.90
CA SER B 124 17.74 30.38 -6.34
C SER B 124 17.54 30.94 -4.93
N GLY B 125 16.31 31.28 -4.58
CA GLY B 125 15.95 31.60 -3.18
C GLY B 125 16.07 30.33 -2.31
N TRP B 126 15.52 29.20 -2.77
CA TRP B 126 15.77 27.91 -2.01
C TRP B 126 17.24 27.64 -1.86
N TRP B 127 17.97 27.70 -2.98
CA TRP B 127 19.37 27.36 -3.03
C TRP B 127 20.25 28.28 -2.18
N SER B 128 19.85 29.55 -1.97
CA SER B 128 20.60 30.54 -1.21
C SER B 128 20.86 30.24 0.26
N GLY B 129 20.16 29.26 0.81
CA GLY B 129 20.29 28.91 2.20
C GLY B 129 21.74 28.64 2.59
N ALA B 130 22.50 28.03 1.67
CA ALA B 130 23.87 27.60 1.95
C ALA B 130 24.82 28.76 1.98
N LYS B 131 24.70 29.66 1.01
CA LYS B 131 25.57 30.77 0.93
C LYS B 131 25.24 31.79 2.02
N LYS B 132 23.98 31.88 2.44
CA LYS B 132 23.60 32.83 3.49
C LYS B 132 23.94 32.46 4.96
N ASN B 133 23.69 31.20 5.29
CA ASN B 133 23.89 30.68 6.61
C ASN B 133 25.18 29.87 6.81
N GLY B 134 25.67 29.20 5.78
CA GLY B 134 26.81 28.34 5.93
C GLY B 134 26.39 26.92 6.25
N VAL B 135 27.31 25.99 6.00
CA VAL B 135 27.12 24.55 6.19
C VAL B 135 28.27 24.03 7.08
N GLY B 136 27.92 23.17 8.04
CA GLY B 136 28.91 22.49 8.92
C GLY B 136 30.04 21.77 8.18
N PRO B 137 31.10 21.35 8.93
CA PRO B 137 32.33 20.76 8.35
C PRO B 137 32.12 19.41 7.67
N ASP B 138 31.09 18.66 8.13
CA ASP B 138 30.76 17.36 7.58
C ASP B 138 29.47 17.41 6.68
N ASN B 139 29.15 18.61 6.21
CA ASN B 139 27.94 18.85 5.42
C ASN B 139 26.67 18.38 6.12
N LYS B 140 26.68 18.27 7.44
CA LYS B 140 25.54 17.74 8.17
C LYS B 140 24.44 18.79 8.22
N TYR B 141 23.18 18.35 8.15
CA TYR B 141 22.03 19.22 8.31
C TYR B 141 21.86 19.69 9.76
N THR B 142 21.93 21.01 9.97
CA THR B 142 21.75 21.63 11.31
C THR B 142 20.60 22.62 11.29
N GLY B 143 19.87 22.62 10.18
CA GLY B 143 18.73 23.57 9.97
C GLY B 143 19.24 25.02 9.94
N GLY B 144 18.59 25.91 10.70
CA GLY B 144 19.01 27.29 10.70
C GLY B 144 19.01 27.81 9.27
N GLY B 145 17.90 27.59 8.54
CA GLY B 145 17.68 28.13 7.19
C GLY B 145 18.34 27.33 6.10
N LEU B 146 18.67 26.06 6.39
CA LEU B 146 19.17 25.17 5.33
C LEU B 146 18.08 24.24 4.80
N PHE B 147 16.86 24.35 5.31
CA PHE B 147 15.80 23.45 4.87
C PHE B 147 15.64 23.31 3.40
N ALA B 148 15.45 24.40 2.68
CA ALA B 148 15.09 24.28 1.26
C ALA B 148 16.33 23.83 0.44
N PHE B 149 17.52 24.30 0.84
CA PHE B 149 18.77 23.82 0.28
C PHE B 149 19.01 22.34 0.47
N SER B 150 18.77 21.79 1.67
CA SER B 150 18.99 20.36 1.94
C SER B 150 18.22 19.49 0.95
N ASN B 151 17.00 19.90 0.58
CA ASN B 151 16.21 19.09 -0.38
C ASN B 151 16.79 19.08 -1.78
N MET B 152 17.36 20.21 -2.20
CA MET B 152 17.93 20.37 -3.56
C MET B 152 19.23 19.65 -3.70
N VAL B 153 20.01 19.63 -2.62
CA VAL B 153 21.42 19.21 -2.68
C VAL B 153 21.58 17.75 -2.22
N TYR B 154 20.60 17.21 -1.47
CA TYR B 154 20.72 15.84 -0.88
C TYR B 154 21.16 14.77 -1.89
N SER B 155 22.33 14.18 -1.67
CA SER B 155 23.05 13.40 -2.68
C SER B 155 22.35 12.16 -3.18
N GLU B 156 21.61 11.47 -2.33
CA GLU B 156 20.94 10.19 -2.69
C GLU B 156 19.66 10.36 -3.43
N THR B 157 19.24 11.60 -3.60
CA THR B 157 17.94 11.90 -4.21
C THR B 157 18.17 11.67 -5.71
N THR B 158 17.21 11.04 -6.38
CA THR B 158 17.34 10.66 -7.78
C THR B 158 16.16 11.13 -8.61
N LYS B 159 15.01 11.41 -7.98
CA LYS B 159 13.84 11.83 -8.74
C LYS B 159 13.35 13.21 -8.34
N LEU B 160 13.00 14.03 -9.32
CA LEU B 160 12.43 15.39 -9.11
C LEU B 160 11.04 15.57 -9.73
N GLY B 161 10.11 16.23 -9.03
CA GLY B 161 8.83 16.63 -9.64
C GLY B 161 8.45 18.02 -9.20
N CYS B 162 8.16 18.89 -10.17
CA CYS B 162 7.86 20.28 -9.83
C CYS B 162 6.71 20.82 -10.62
N ALA B 163 6.04 21.82 -10.02
CA ALA B 163 4.86 22.37 -10.59
C ALA B 163 4.65 23.77 -10.05
N TYR B 164 3.99 24.63 -10.85
CA TYR B 164 3.41 25.89 -10.34
C TYR B 164 1.91 26.03 -10.59
N LYS B 165 1.30 26.92 -9.80
CA LYS B 165 -0.13 27.27 -9.96
C LYS B 165 -0.48 28.74 -9.75
N VAL B 166 -1.23 29.31 -10.69
CA VAL B 166 -1.63 30.70 -10.60
C VAL B 166 -3.04 30.77 -10.04
N CYS B 167 -3.18 31.47 -8.93
CA CYS B 167 -4.49 31.64 -8.29
C CYS B 167 -4.75 33.14 -8.11
N GLY B 168 -4.89 33.82 -9.25
CA GLY B 168 -5.20 35.24 -9.26
C GLY B 168 -4.00 36.10 -8.95
N THR B 169 -3.98 36.66 -7.76
CA THR B 169 -2.87 37.50 -7.33
C THR B 169 -1.73 36.70 -6.67
N LYS B 170 -1.99 35.41 -6.42
CA LYS B 170 -1.06 34.48 -5.78
C LYS B 170 -0.46 33.49 -6.78
N LEU B 171 0.82 33.17 -6.60
CA LEU B 171 1.49 32.16 -7.38
C LEU B 171 2.28 31.24 -6.45
N ALA B 172 2.09 29.93 -6.64
CA ALA B 172 2.62 28.89 -5.76
C ALA B 172 3.57 28.05 -6.61
N VAL B 173 4.85 27.99 -6.24
CA VAL B 173 5.82 27.19 -6.99
C VAL B 173 6.41 26.17 -6.02
N SER B 174 6.35 24.90 -6.39
CA SER B 174 6.69 23.84 -5.46
C SER B 174 7.47 22.75 -6.19
N CYS B 175 8.31 21.99 -5.48
CA CYS B 175 9.01 20.80 -6.02
C CYS B 175 8.99 19.77 -4.92
N ILE B 176 8.91 18.50 -5.28
CA ILE B 176 8.97 17.38 -4.31
C ILE B 176 10.08 16.45 -4.73
N TYR B 177 10.62 15.71 -3.76
CA TYR B 177 11.87 14.98 -3.94
C TYR B 177 11.78 13.66 -3.23
N ASN B 178 12.37 12.62 -3.80
CA ASN B 178 12.21 11.27 -3.25
C ASN B 178 13.28 10.90 -2.21
N GLY B 179 13.90 11.90 -1.59
CA GLY B 179 14.73 11.64 -0.42
C GLY B 179 14.52 12.78 0.57
N VAL B 180 14.78 12.47 1.83
CA VAL B 180 14.68 13.45 2.89
C VAL B 180 16.04 13.98 3.32
N GLY B 181 16.27 15.25 3.10
CA GLY B 181 17.55 15.85 3.41
C GLY B 181 17.68 16.63 4.68
N TYR B 182 16.56 16.80 5.37
CA TYR B 182 16.51 17.70 6.51
C TYR B 182 16.53 16.95 7.85
N ILE B 183 17.10 15.74 7.89
CA ILE B 183 17.23 14.97 9.14
C ILE B 183 18.38 15.61 9.95
N THR B 184 18.10 16.04 11.16
CA THR B 184 19.16 16.56 12.04
C THR B 184 20.48 15.75 12.07
N ASN B 185 21.59 16.45 11.85
CA ASN B 185 22.96 15.87 11.89
C ASN B 185 23.33 14.84 10.79
N GLN B 186 22.43 14.64 9.84
CA GLN B 186 22.66 13.77 8.72
C GLN B 186 23.42 14.56 7.70
N PRO B 187 24.50 13.96 7.21
CA PRO B 187 25.25 14.63 6.16
C PRO B 187 24.41 14.72 4.94
N MET B 188 24.29 15.92 4.40
CA MET B 188 23.57 16.16 3.17
C MET B 188 24.28 15.54 1.98
N TRP B 189 25.62 15.46 2.09
CA TRP B 189 26.45 14.70 1.13
C TRP B 189 27.78 14.35 1.73
N GLU B 190 28.45 13.38 1.14
CA GLU B 190 29.74 12.95 1.63
C GLU B 190 30.84 13.62 0.85
N THR B 191 31.76 14.22 1.60
CA THR B 191 32.84 14.95 1.05
C THR B 191 33.70 13.95 0.38
N GLY B 192 34.05 14.26 -0.88
CA GLY B 192 35.03 13.52 -1.65
C GLY B 192 35.05 14.07 -3.07
N GLN B 193 35.88 13.46 -3.91
CA GLN B 193 35.99 13.87 -5.29
C GLN B 193 34.78 13.30 -6.03
N ALA B 194 34.25 14.10 -6.98
CA ALA B 194 33.12 13.72 -7.83
C ALA B 194 33.45 12.49 -8.62
N CYS B 195 32.42 11.70 -8.98
CA CYS B 195 32.65 10.48 -9.80
C CYS B 195 33.38 10.74 -11.14
N GLN B 196 34.14 9.72 -11.58
CA GLN B 196 34.82 9.68 -12.87
C GLN B 196 34.20 8.64 -13.83
N THR B 197 33.84 7.47 -13.29
CA THR B 197 33.07 6.44 -14.00
C THR B 197 31.99 5.92 -13.07
N GLY B 198 31.12 5.09 -13.59
CA GLY B 198 30.08 4.54 -12.77
C GLY B 198 30.52 3.68 -11.61
N ALA B 199 31.76 3.19 -11.61
CA ALA B 199 32.20 2.32 -10.48
C ALA B 199 32.49 3.17 -9.25
N ASP B 200 32.50 4.47 -9.45
CA ASP B 200 32.80 5.42 -8.41
C ASP B 200 31.54 5.64 -7.56
N CYS B 201 30.37 5.29 -8.10
CA CYS B 201 29.10 5.51 -7.41
C CYS B 201 28.78 4.27 -6.61
N SER B 202 28.63 4.44 -5.29
CA SER B 202 28.46 3.32 -4.38
C SER B 202 27.04 3.25 -3.88
N THR B 203 26.33 4.37 -3.93
CA THR B 203 24.99 4.41 -3.38
C THR B 203 24.07 3.45 -4.13
N TYR B 204 24.13 3.49 -5.44
CA TYR B 204 23.35 2.55 -6.22
C TYR B 204 24.29 1.87 -7.19
N LYS B 205 24.35 0.54 -7.12
CA LYS B 205 25.23 -0.23 -8.01
C LYS B 205 24.69 -0.21 -9.45
N ASN B 206 25.59 -0.38 -10.42
CA ASN B 206 25.27 -0.31 -11.86
C ASN B 206 24.76 1.12 -12.25
N SER B 207 25.40 2.10 -11.62
CA SER B 207 25.24 3.51 -11.93
C SER B 207 26.22 3.90 -13.05
N GLY B 208 25.85 4.92 -13.80
CA GLY B 208 26.80 5.60 -14.70
C GLY B 208 27.33 6.87 -14.02
N CYS B 209 28.18 7.61 -14.74
CA CYS B 209 28.66 8.93 -14.30
C CYS B 209 28.64 9.95 -15.46
N GLU B 210 28.10 11.13 -15.22
CA GLU B 210 28.11 12.17 -16.24
C GLU B 210 28.70 13.45 -15.71
N ASP B 211 29.95 13.71 -16.10
CA ASP B 211 30.66 14.94 -15.67
C ASP B 211 30.60 15.18 -14.15
N GLY B 212 30.88 14.18 -13.34
CA GLY B 212 30.80 14.32 -11.87
C GLY B 212 29.46 14.11 -11.14
N LEU B 213 28.38 13.89 -11.89
CA LEU B 213 27.09 13.45 -11.32
C LEU B 213 26.86 11.95 -11.57
N CYS B 214 26.66 11.20 -10.50
CA CYS B 214 26.30 9.79 -10.62
C CYS B 214 24.95 9.66 -11.32
N THR B 215 24.75 8.63 -12.14
CA THR B 215 23.42 8.46 -12.74
C THR B 215 22.86 7.11 -12.42
N LYS B 216 21.71 7.09 -11.74
CA LYS B 216 21.12 5.84 -11.32
C LYS B 216 20.38 5.18 -12.46
N GLY B 217 20.66 3.91 -12.61
CA GLY B 217 20.01 3.10 -13.63
C GLY B 217 18.64 2.59 -13.19
N PRO B 218 18.15 1.55 -13.91
CA PRO B 218 16.80 1.03 -13.67
C PRO B 218 16.74 0.32 -12.30
N ASP B 219 15.60 0.37 -11.61
CA ASP B 219 15.50 -0.32 -10.32
C ASP B 219 15.65 -1.84 -10.52
N VAL B 220 16.18 -2.52 -9.51
CA VAL B 220 16.06 -4.00 -9.43
C VAL B 220 14.69 -4.37 -8.80
N PRO B 221 13.80 -5.11 -9.54
CA PRO B 221 12.46 -5.40 -9.03
C PRO B 221 12.56 -6.18 -7.71
N GLU B 222 11.61 -5.96 -6.78
CA GLU B 222 11.72 -6.46 -5.41
C GLU B 222 11.50 -7.95 -5.41
N THR B 223 12.29 -8.68 -4.61
CA THR B 223 12.17 -10.14 -4.54
C THR B 223 12.06 -10.63 -3.11
N ASN B 224 11.59 -11.85 -2.96
CA ASN B 224 11.46 -12.40 -1.62
C ASN B 224 12.00 -13.86 -1.58
N GLN B 225 13.28 -13.99 -1.94
CA GLN B 225 13.91 -15.31 -2.05
C GLN B 225 14.45 -15.74 -0.69
N GLN B 226 14.76 -14.78 0.18
CA GLN B 226 15.54 -15.11 1.39
C GLN B 226 14.67 -15.71 2.49
N CYS B 227 13.47 -15.17 2.65
CA CYS B 227 12.52 -15.68 3.65
C CYS B 227 11.14 -15.88 2.97
N PRO B 228 11.00 -17.00 2.22
CA PRO B 228 9.78 -17.28 1.40
C PRO B 228 8.50 -17.44 2.22
N SER B 229 8.63 -17.95 3.45
CA SER B 229 7.47 -18.13 4.35
C SER B 229 6.87 -16.83 4.86
N ASN B 230 7.71 -15.81 4.97
CA ASN B 230 7.35 -14.52 5.58
C ASN B 230 6.66 -13.63 4.60
N THR B 231 5.73 -12.80 5.10
CA THR B 231 5.02 -11.88 4.24
C THR B 231 5.20 -10.45 4.75
N GLY B 232 5.70 -9.59 3.87
CA GLY B 232 5.72 -8.15 4.13
C GLY B 232 7.09 -7.58 3.93
N MET B 233 8.07 -8.42 3.56
CA MET B 233 9.49 -8.00 3.51
C MET B 233 10.24 -8.48 2.29
N THR B 234 11.22 -7.72 1.84
CA THR B 234 11.89 -8.00 0.56
C THR B 234 13.42 -8.10 0.75
N ASP B 235 14.09 -8.77 -0.17
CA ASP B 235 15.50 -9.07 -0.06
C ASP B 235 16.39 -7.85 0.12
N SER B 236 16.21 -6.82 -0.73
CA SER B 236 16.90 -5.53 -0.57
C SER B 236 16.87 -4.88 0.83
N VAL B 237 15.70 -4.86 1.46
CA VAL B 237 15.55 -4.24 2.78
C VAL B 237 16.31 -5.09 3.82
N ARG B 238 16.12 -6.42 3.78
CA ARG B 238 16.96 -7.31 4.60
C ARG B 238 18.45 -6.99 4.52
N ASP B 239 18.98 -6.85 3.30
CA ASP B 239 20.39 -6.57 3.08
C ASP B 239 20.83 -5.14 3.46
N THR B 240 19.90 -4.20 3.37
CA THR B 240 20.10 -2.87 3.89
C THR B 240 20.31 -2.85 5.41
N PHE B 241 19.37 -3.41 6.18
CA PHE B 241 19.46 -3.49 7.64
C PHE B 241 20.68 -4.31 8.04
N LEU B 242 20.89 -5.44 7.39
CA LEU B 242 22.01 -6.26 7.70
C LEU B 242 23.35 -5.55 7.53
N SER B 243 23.61 -4.99 6.35
CA SER B 243 24.93 -4.45 6.06
C SER B 243 25.23 -3.19 6.88
N VAL B 244 24.20 -2.38 7.11
CA VAL B 244 24.36 -1.16 7.92
C VAL B 244 24.73 -1.53 9.37
N HIS B 245 24.02 -2.51 9.93
CA HIS B 245 24.44 -3.07 11.24
C HIS B 245 25.86 -3.60 11.26
N ASN B 246 26.17 -4.52 10.35
CA ASN B 246 27.48 -5.12 10.25
C ASN B 246 28.63 -4.15 10.01
N GLU B 247 28.41 -3.14 9.17
CA GLU B 247 29.43 -2.14 8.92
C GLU B 247 29.73 -1.30 10.14
N PHE B 248 28.67 -0.98 10.88
CA PHE B 248 28.76 -0.18 12.06
C PHE B 248 29.51 -1.05 13.13
N ARG B 249 29.13 -2.33 13.22
CA ARG B 249 29.76 -3.19 14.20
C ARG B 249 31.24 -3.38 13.91
N SER B 250 31.58 -3.47 12.63
CA SER B 250 32.97 -3.61 12.21
C SER B 250 33.78 -2.37 12.55
N SER B 251 33.17 -1.20 12.36
CA SER B 251 33.84 0.02 12.62
C SER B 251 34.04 0.27 14.13
N VAL B 252 33.03 -0.07 14.94
CA VAL B 252 33.18 0.12 16.38
C VAL B 252 34.19 -0.89 16.96
N ALA B 253 34.28 -2.09 16.37
CA ALA B 253 35.11 -3.13 16.97
C ALA B 253 36.55 -2.74 16.76
N ARG B 254 36.82 -2.05 15.66
CA ARG B 254 38.16 -1.69 15.32
C ARG B 254 38.58 -0.34 15.93
N GLY B 255 37.72 0.24 16.75
CA GLY B 255 37.92 1.51 17.45
C GLY B 255 37.84 2.72 16.56
N LEU B 256 36.88 2.75 15.63
CA LEU B 256 36.89 3.87 14.71
C LEU B 256 35.71 4.79 14.87
N GLU B 257 34.86 4.46 15.86
CA GLU B 257 33.60 5.20 16.04
C GLU B 257 33.77 6.24 17.13
N PRO B 258 33.49 7.51 16.82
CA PRO B 258 33.59 8.62 17.77
C PRO B 258 32.57 8.57 18.91
N ASP B 259 33.04 8.99 20.08
CA ASP B 259 32.25 8.89 21.30
C ASP B 259 32.14 10.30 21.86
N ALA B 260 30.90 10.72 22.06
CA ALA B 260 30.60 12.00 22.63
C ALA B 260 31.28 12.25 23.98
N LEU B 261 31.57 11.19 24.72
CA LEU B 261 32.18 11.33 26.06
C LEU B 261 33.69 11.08 26.07
N GLY B 262 34.28 11.15 24.87
CA GLY B 262 35.69 11.15 24.79
C GLY B 262 36.30 10.24 23.74
N GLY B 263 36.94 10.83 22.74
CA GLY B 263 37.73 10.02 21.82
C GLY B 263 36.85 9.08 21.04
N ASN B 264 37.36 7.88 20.73
CA ASN B 264 36.53 6.84 20.12
C ASN B 264 36.15 5.75 21.07
N ALA B 265 35.03 5.11 20.75
CA ALA B 265 34.63 3.85 21.38
C ALA B 265 35.78 2.85 21.40
N PRO B 266 35.91 2.04 22.47
CA PRO B 266 37.04 1.12 22.59
C PRO B 266 37.02 -0.01 21.60
N LYS B 267 38.16 -0.63 21.34
CA LYS B 267 38.17 -1.83 20.50
C LYS B 267 37.36 -2.97 21.14
N ALA B 268 36.65 -3.76 20.32
CA ALA B 268 35.88 -4.95 20.79
C ALA B 268 36.67 -6.21 20.52
N ALA B 269 36.72 -7.10 21.51
CA ALA B 269 37.58 -8.32 21.41
C ALA B 269 36.87 -9.51 20.69
N LYS B 270 35.57 -9.66 20.92
CA LYS B 270 34.76 -10.76 20.32
C LYS B 270 33.44 -10.30 19.67
N MET B 271 33.53 -9.30 18.76
CA MET B 271 32.34 -8.77 18.08
C MET B 271 31.78 -9.76 17.03
N LEU B 272 30.54 -10.22 17.22
CA LEU B 272 30.01 -11.19 16.28
C LEU B 272 29.47 -10.51 15.04
N LYS B 273 29.81 -11.05 13.88
CA LYS B 273 29.16 -10.71 12.62
C LYS B 273 27.69 -11.10 12.67
N MET B 274 26.81 -10.14 12.44
CA MET B 274 25.37 -10.43 12.40
C MET B 274 24.95 -11.25 11.17
N VAL B 275 24.02 -12.17 11.36
CA VAL B 275 23.39 -12.89 10.24
C VAL B 275 21.89 -12.61 10.28
N TYR B 276 21.29 -12.65 9.09
CA TYR B 276 19.87 -12.44 8.94
C TYR B 276 19.10 -13.70 9.32
N ASP B 277 18.01 -13.54 10.03
CA ASP B 277 17.25 -14.66 10.51
C ASP B 277 15.78 -14.46 10.24
N CYS B 278 15.25 -15.29 9.33
CA CYS B 278 13.82 -15.24 8.90
C CYS B 278 12.83 -15.36 10.05
N GLU B 279 13.26 -16.12 11.06
CA GLU B 279 12.46 -16.46 12.22
C GLU B 279 12.28 -15.20 13.08
N VAL B 280 13.41 -14.55 13.38
CA VAL B 280 13.43 -13.27 14.05
C VAL B 280 12.64 -12.23 13.25
N GLU B 281 12.91 -12.17 11.93
CA GLU B 281 12.16 -11.22 11.05
C GLU B 281 10.64 -11.41 11.19
N ALA B 282 10.18 -12.65 11.29
CA ALA B 282 8.75 -12.91 11.41
C ALA B 282 8.12 -12.27 12.70
N SER B 283 8.79 -12.38 13.85
CA SER B 283 8.33 -11.78 15.14
C SER B 283 8.33 -10.25 15.08
N ALA B 284 9.24 -9.71 14.29
CA ALA B 284 9.34 -8.26 14.07
C ALA B 284 8.22 -7.75 13.15
N ILE B 285 7.99 -8.45 12.05
CA ILE B 285 6.77 -8.19 11.19
C ILE B 285 5.49 -8.22 12.01
N ARG B 286 5.39 -9.17 12.95
CA ARG B 286 4.11 -9.22 13.76
C ARG B 286 3.80 -7.95 14.58
N HIS B 287 4.84 -7.39 15.18
CA HIS B 287 4.71 -6.24 16.03
C HIS B 287 4.59 -4.96 15.24
N GLY B 288 5.38 -4.90 14.18
CA GLY B 288 5.22 -3.87 13.12
C GLY B 288 3.79 -3.74 12.63
N ASN B 289 3.20 -4.88 12.25
CA ASN B 289 1.91 -4.85 11.58
C ASN B 289 0.84 -4.20 12.43
N LYS B 290 1.04 -4.19 13.77
CA LYS B 290 0.04 -3.60 14.67
C LYS B 290 -0.04 -2.07 14.56
N CYS B 291 1.01 -1.44 14.02
CA CYS B 291 1.00 0.02 13.78
C CYS B 291 0.88 0.87 15.05
N VAL B 292 1.48 0.37 16.14
CA VAL B 292 1.54 1.14 17.38
C VAL B 292 2.99 1.45 17.77
N TYR B 293 3.29 2.73 17.92
CA TYR B 293 4.66 3.19 18.18
C TYR B 293 5.03 2.92 19.66
N GLN B 294 5.44 1.68 19.94
CA GLN B 294 5.78 1.23 21.29
C GLN B 294 6.53 -0.10 21.16
N HIS B 295 7.10 -0.58 22.26
CA HIS B 295 7.79 -1.88 22.24
C HIS B 295 6.74 -2.95 22.39
N SER B 296 7.04 -4.12 21.83
CA SER B 296 6.37 -5.35 22.10
C SER B 296 6.82 -5.87 23.45
N HIS B 297 5.94 -6.63 24.09
CA HIS B 297 6.21 -7.23 25.39
C HIS B 297 7.21 -8.37 25.20
N GLY B 298 7.93 -8.71 26.28
CA GLY B 298 9.01 -9.68 26.21
C GLY B 298 8.46 -11.03 25.80
N GLU B 299 7.25 -11.30 26.30
CA GLU B 299 6.43 -12.46 25.91
C GLU B 299 6.46 -12.68 24.40
N ASP B 300 6.32 -11.58 23.67
CA ASP B 300 6.08 -11.55 22.23
C ASP B 300 7.38 -11.78 21.41
N ARG B 301 8.54 -11.65 22.06
CA ARG B 301 9.83 -11.80 21.41
C ARG B 301 10.79 -12.48 22.39
N PRO B 302 10.61 -13.81 22.61
CA PRO B 302 11.27 -14.54 23.68
C PRO B 302 12.81 -14.60 23.54
N GLY B 303 13.52 -14.03 24.52
CA GLY B 303 14.99 -13.86 24.46
C GLY B 303 15.48 -12.91 23.33
N LEU B 304 14.63 -11.98 22.92
CA LEU B 304 14.94 -11.09 21.76
C LEU B 304 14.97 -9.59 22.12
N GLY B 305 16.07 -8.93 21.69
CA GLY B 305 16.23 -7.45 21.75
C GLY B 305 15.38 -6.73 20.70
N GLU B 306 15.15 -5.43 20.87
CA GLU B 306 14.24 -4.68 19.98
C GLU B 306 14.49 -3.15 19.83
N ASN B 307 14.55 -2.74 18.57
CA ASN B 307 14.64 -1.31 18.22
C ASN B 307 13.44 -0.85 17.41
N ILE B 308 12.80 0.27 17.84
CA ILE B 308 11.77 0.89 17.01
C ILE B 308 12.15 2.24 16.36
N TYR B 309 11.43 2.57 15.29
CA TYR B 309 11.65 3.82 14.52
C TYR B 309 10.38 4.24 13.76
N LYS B 310 10.10 5.55 13.75
CA LYS B 310 9.08 6.11 12.87
C LYS B 310 9.47 7.45 12.21
N THR B 311 9.01 7.64 10.98
CA THR B 311 9.00 8.97 10.33
C THR B 311 7.60 9.45 9.95
N SER B 312 7.41 10.77 9.93
CA SER B 312 6.12 11.33 9.61
C SER B 312 5.83 11.17 8.09
N VAL B 313 6.84 10.75 7.32
CA VAL B 313 6.65 10.56 5.89
C VAL B 313 5.86 9.26 5.61
N LEU B 314 4.73 9.42 4.93
CA LEU B 314 3.85 8.29 4.64
C LEU B 314 4.45 7.49 3.50
N LYS B 315 4.45 6.16 3.65
CA LYS B 315 4.92 5.24 2.60
C LYS B 315 6.33 5.56 2.11
N PHE B 316 7.27 5.71 3.03
CA PHE B 316 8.61 6.14 2.66
C PHE B 316 9.39 4.90 2.23
N ASP B 317 10.11 5.05 1.13
CA ASP B 317 10.97 4.03 0.58
C ASP B 317 11.59 3.15 1.67
N LYS B 318 11.23 1.87 1.64
CA LYS B 318 11.61 0.99 2.69
C LYS B 318 13.12 0.87 2.90
N ASN B 319 13.94 0.95 1.84
CA ASN B 319 15.43 0.84 1.95
C ASN B 319 16.04 2.10 2.56
N LYS B 320 15.51 3.25 2.14
CA LYS B 320 15.85 4.53 2.74
C LYS B 320 15.37 4.59 4.19
N ALA B 321 14.18 4.04 4.48
CA ALA B 321 13.70 4.03 5.88
C ALA B 321 14.53 3.13 6.80
N ALA B 322 15.03 2.01 6.31
CA ALA B 322 15.90 1.12 7.06
C ALA B 322 17.28 1.75 7.32
N LYS B 323 17.87 2.42 6.35
CA LYS B 323 19.15 3.05 6.50
C LYS B 323 19.05 4.14 7.58
N GLN B 324 18.09 5.04 7.42
CA GLN B 324 17.90 6.19 8.32
C GLN B 324 17.51 5.69 9.74
N ALA B 325 16.67 4.65 9.86
CA ALA B 325 16.42 4.00 11.18
C ALA B 325 17.72 3.63 11.86
N SER B 326 18.55 2.86 11.15
CA SER B 326 19.75 2.20 11.68
C SER B 326 20.80 3.28 12.03
N GLN B 327 20.81 4.37 11.26
CA GLN B 327 21.78 5.46 11.49
C GLN B 327 21.36 6.31 12.68
N LEU B 328 20.05 6.55 12.79
CA LEU B 328 19.52 7.32 13.92
C LEU B 328 19.70 6.55 15.23
N TRP B 329 19.52 5.23 15.17
CA TRP B 329 19.79 4.39 16.33
C TRP B 329 21.27 4.44 16.74
N TRP B 330 22.15 4.39 15.75
CA TRP B 330 23.58 4.40 15.99
C TRP B 330 24.14 5.72 16.51
N ASN B 331 23.73 6.87 15.91
CA ASN B 331 24.26 8.22 16.21
C ASN B 331 24.14 8.65 17.68
N GLU B 332 23.45 7.86 18.47
CA GLU B 332 23.41 8.07 19.91
C GLU B 332 24.80 8.05 20.57
N LEU B 333 25.70 7.23 20.06
CA LEU B 333 27.09 7.20 20.52
C LEU B 333 27.86 8.53 20.25
N LYS B 334 27.74 9.08 19.04
CA LYS B 334 28.46 10.32 18.73
C LYS B 334 27.71 11.54 19.30
N GLU B 335 26.42 11.41 19.56
CA GLU B 335 25.68 12.60 20.07
C GLU B 335 25.58 12.66 21.59
N TYR B 336 25.48 11.50 22.27
CA TYR B 336 25.19 11.49 23.71
C TYR B 336 26.31 10.84 24.48
N GLY B 337 26.82 9.75 23.94
CA GLY B 337 28.05 9.20 24.47
C GLY B 337 27.80 8.12 25.49
N VAL B 338 28.83 7.30 25.68
CA VAL B 338 28.86 6.20 26.64
C VAL B 338 30.05 6.36 27.61
N GLY B 339 31.27 6.41 27.07
CA GLY B 339 32.48 6.48 27.90
C GLY B 339 33.36 5.26 27.77
N PRO B 340 34.62 5.38 28.25
CA PRO B 340 35.65 4.35 28.01
C PRO B 340 35.41 3.04 28.79
N SER B 341 34.62 3.09 29.86
CA SER B 341 34.30 1.86 30.58
C SER B 341 33.35 0.99 29.77
N ASN B 342 32.64 1.60 28.81
CA ASN B 342 31.71 0.88 27.95
C ASN B 342 30.54 0.14 28.59
N VAL B 343 30.08 0.59 29.76
CA VAL B 343 29.06 -0.08 30.55
C VAL B 343 27.80 0.75 30.40
N LEU B 344 26.69 0.07 30.13
CA LEU B 344 25.37 0.70 30.05
C LEU B 344 24.86 0.88 31.50
N THR B 345 25.19 2.03 32.11
CA THR B 345 24.93 2.26 33.54
C THR B 345 23.59 2.92 33.61
N THR B 346 23.00 2.85 34.80
CA THR B 346 21.76 3.56 35.10
C THR B 346 21.89 5.09 34.99
N ALA B 347 23.03 5.63 35.37
CA ALA B 347 23.20 7.07 35.32
C ALA B 347 23.14 7.60 33.89
N LEU B 348 23.68 6.83 32.94
CA LEU B 348 23.74 7.21 31.54
C LEU B 348 22.34 7.06 31.01
N TRP B 349 21.67 6.00 31.47
CA TRP B 349 20.31 5.70 31.02
C TRP B 349 19.36 6.82 31.35
N ASN B 350 19.44 7.34 32.58
CA ASN B 350 18.52 8.37 33.05
C ASN B 350 18.89 9.80 32.71
N ARG B 351 19.90 9.99 31.86
CA ARG B 351 20.17 11.35 31.40
C ARG B 351 18.93 11.92 30.68
N PRO B 352 18.62 13.17 30.99
CA PRO B 352 17.51 13.91 30.40
C PRO B 352 17.74 14.19 28.94
N ASN B 353 16.77 13.81 28.11
CA ASN B 353 16.77 14.06 26.66
C ASN B 353 17.87 13.34 25.93
N MET B 354 18.49 12.36 26.57
CA MET B 354 19.54 11.57 25.96
C MET B 354 19.27 10.09 26.12
N GLN B 355 19.10 9.39 25.02
CA GLN B 355 18.86 7.95 25.07
C GLN B 355 20.02 7.31 24.34
N ILE B 356 20.50 6.15 24.82
CA ILE B 356 21.59 5.42 24.19
C ILE B 356 21.24 3.98 23.96
N GLY B 357 20.05 3.59 24.42
CA GLY B 357 19.54 2.18 24.35
C GLY B 357 19.46 1.53 22.96
N HIS B 358 19.21 2.32 21.89
CA HIS B 358 19.20 1.81 20.50
C HIS B 358 20.57 1.50 19.95
N TYR B 359 21.53 2.41 20.20
CA TYR B 359 22.90 2.18 19.83
C TYR B 359 23.46 0.96 20.53
N THR B 360 23.16 0.82 21.82
CA THR B 360 23.73 -0.32 22.62
C THR B 360 23.34 -1.70 22.08
N GLN B 361 22.08 -1.80 21.64
CA GLN B 361 21.53 -3.03 21.15
C GLN B 361 22.21 -3.38 19.86
N MET B 362 22.53 -2.35 19.04
CA MET B 362 23.18 -2.56 17.77
C MET B 362 24.63 -3.00 17.92
N ALA B 363 25.27 -2.53 18.99
CA ALA B 363 26.70 -2.75 19.31
C ALA B 363 26.97 -3.95 20.26
N TRP B 364 25.88 -4.59 20.70
CA TRP B 364 25.96 -5.71 21.65
C TRP B 364 26.67 -6.94 21.07
N ASP B 365 27.86 -7.24 21.61
CA ASP B 365 28.77 -8.20 20.96
C ASP B 365 28.17 -9.59 20.82
N THR B 366 27.40 -10.03 21.81
CA THR B 366 26.93 -11.43 21.87
C THR B 366 25.69 -11.64 21.00
N THR B 367 25.07 -10.50 20.65
CA THR B 367 23.91 -10.40 19.71
C THR B 367 24.38 -10.64 18.28
N TYR B 368 23.78 -11.62 17.58
CA TYR B 368 24.25 -12.00 16.24
C TYR B 368 23.10 -12.34 15.30
N LYS B 369 21.85 -12.44 15.80
CA LYS B 369 20.71 -12.74 14.90
C LYS B 369 19.89 -11.48 14.64
N LEU B 370 19.80 -11.11 13.36
CA LEU B 370 19.03 -9.91 12.99
C LEU B 370 17.74 -10.23 12.20
N GLY B 371 16.61 -9.66 12.61
CA GLY B 371 15.39 -9.71 11.78
C GLY B 371 14.53 -8.44 11.90
N CYS B 372 14.21 -7.77 10.78
CA CYS B 372 13.50 -6.47 10.86
C CYS B 372 12.25 -6.36 9.98
N ALA B 373 11.48 -5.29 10.19
CA ALA B 373 10.34 -4.95 9.34
C ALA B 373 10.17 -3.46 9.17
N VAL B 374 9.70 -3.05 7.99
CA VAL B 374 9.24 -1.66 7.72
C VAL B 374 7.80 -1.78 7.20
N VAL B 375 6.86 -1.16 7.92
CA VAL B 375 5.44 -1.28 7.62
C VAL B 375 4.95 0.12 7.39
N PHE B 376 4.16 0.28 6.31
CA PHE B 376 3.49 1.51 6.01
C PHE B 376 2.18 1.58 6.81
N CYS B 377 2.23 2.36 7.89
CA CYS B 377 1.10 2.57 8.80
C CYS B 377 0.41 3.80 8.36
N ASN B 378 -0.77 4.04 8.89
CA ASN B 378 -1.68 5.09 8.37
C ASN B 378 -1.16 6.51 8.53
N ASP B 379 -0.37 6.74 9.56
CA ASP B 379 0.04 8.09 9.86
C ASP B 379 1.53 8.16 10.15
N PHE B 380 2.25 7.07 9.85
CA PHE B 380 3.70 7.12 9.83
C PHE B 380 4.29 5.91 9.12
N THR B 381 5.56 5.99 8.74
CA THR B 381 6.29 4.77 8.32
C THR B 381 6.96 4.17 9.54
N PHE B 382 6.76 2.88 9.80
CA PHE B 382 7.14 2.24 11.08
C PHE B 382 8.22 1.21 10.84
N GLY B 383 9.41 1.39 11.42
CA GLY B 383 10.43 0.34 11.39
C GLY B 383 10.69 -0.37 12.75
N VAL B 384 10.79 -1.69 12.73
CA VAL B 384 11.09 -2.47 13.93
C VAL B 384 12.16 -3.50 13.62
N CYS B 385 13.26 -3.46 14.38
CA CYS B 385 14.23 -4.56 14.35
C CYS B 385 14.25 -5.27 15.69
N GLN B 386 14.60 -6.56 15.64
CA GLN B 386 14.70 -7.43 16.79
C GLN B 386 16.05 -8.13 16.74
N TYR B 387 16.50 -8.54 17.92
CA TYR B 387 17.89 -8.92 18.10
C TYR B 387 18.03 -10.17 18.95
N GLY B 388 18.76 -11.17 18.43
CA GLY B 388 18.93 -12.42 19.13
C GLY B 388 20.39 -12.84 19.29
N PRO B 389 20.76 -13.22 20.52
CA PRO B 389 19.81 -13.33 21.66
C PRO B 389 19.41 -12.02 22.35
N GLY B 390 20.04 -10.93 22.04
CA GLY B 390 19.54 -9.72 22.69
C GLY B 390 20.37 -9.22 23.87
N GLY B 391 20.43 -7.88 23.97
CA GLY B 391 21.36 -7.18 24.84
C GLY B 391 20.62 -6.22 25.76
N ASN B 392 21.26 -5.10 26.09
CA ASN B 392 20.75 -4.08 27.03
C ASN B 392 20.57 -4.58 28.45
N TYR B 393 21.56 -5.31 28.92
CA TYR B 393 21.64 -5.66 30.34
C TYR B 393 22.26 -4.48 31.11
N MET B 394 21.55 -3.98 32.12
CA MET B 394 21.99 -2.83 32.88
C MET B 394 23.14 -3.25 33.81
N GLY B 395 24.18 -2.42 33.79
CA GLY B 395 25.36 -2.64 34.59
C GLY B 395 26.33 -3.47 33.77
N HIS B 396 25.96 -3.85 32.56
CA HIS B 396 26.86 -4.71 31.77
C HIS B 396 27.63 -3.95 30.70
N VAL B 397 28.86 -4.40 30.37
CA VAL B 397 29.51 -3.87 29.17
C VAL B 397 28.74 -4.14 27.85
N ILE B 398 28.71 -3.14 26.97
CA ILE B 398 28.01 -3.29 25.70
C ILE B 398 28.74 -4.35 24.90
N TYR B 399 30.07 -4.33 24.95
CA TYR B 399 30.91 -5.35 24.32
C TYR B 399 32.24 -5.49 25.07
N THR B 400 32.80 -6.70 25.04
CA THR B 400 34.07 -7.01 25.69
C THR B 400 35.18 -6.37 24.91
N MET B 401 36.05 -5.68 25.66
CA MET B 401 37.08 -4.85 25.05
C MET B 401 38.41 -5.56 24.90
N GLY B 402 39.13 -5.21 23.84
CA GLY B 402 40.42 -5.83 23.60
C GLY B 402 40.63 -5.78 22.11
N GLN B 403 41.78 -6.26 21.65
CA GLN B 403 42.16 -6.24 20.23
C GLN B 403 41.11 -7.00 19.40
N PRO B 404 40.65 -6.40 18.28
CA PRO B 404 39.61 -7.06 17.54
C PRO B 404 39.93 -8.54 17.25
N CYS B 405 38.99 -9.41 17.63
CA CYS B 405 39.05 -10.84 17.27
C CYS B 405 40.10 -11.59 18.05
N SER B 406 40.37 -11.13 19.26
CA SER B 406 41.32 -11.78 20.13
C SER B 406 40.60 -12.79 21.03
N GLN B 407 39.36 -12.46 21.38
CA GLN B 407 38.55 -13.27 22.31
C GLN B 407 37.37 -13.97 21.65
N CYS B 408 37.56 -14.34 20.39
CA CYS B 408 36.58 -15.12 19.66
C CYS B 408 36.79 -16.61 19.86
N SER B 409 35.72 -17.39 19.73
CA SER B 409 35.80 -18.85 19.90
C SER B 409 36.72 -19.51 18.86
N PRO B 410 37.37 -20.66 19.23
CA PRO B 410 38.39 -21.33 18.38
C PRO B 410 37.82 -21.88 17.07
N GLY B 411 36.50 -22.05 17.01
CA GLY B 411 35.82 -22.48 15.80
C GLY B 411 35.72 -21.44 14.68
N ALA B 412 35.72 -20.15 15.06
CA ALA B 412 35.42 -19.06 14.12
C ALA B 412 36.62 -18.51 13.34
N THR B 413 36.33 -17.93 12.17
CA THR B 413 37.34 -17.13 11.47
C THR B 413 37.05 -15.64 11.64
N CYS B 414 38.11 -14.84 11.56
CA CYS B 414 38.01 -13.39 11.51
C CYS B 414 39.21 -12.72 10.87
N SER B 415 38.98 -11.61 10.19
CA SER B 415 40.06 -10.82 9.62
C SER B 415 40.34 -9.58 10.46
N VAL B 416 41.62 -9.18 10.54
CA VAL B 416 42.02 -7.91 11.22
C VAL B 416 41.57 -6.64 10.47
N THR B 417 41.10 -6.85 9.24
CA THR B 417 40.67 -5.74 8.40
C THR B 417 39.17 -5.46 8.60
N GLU B 418 38.49 -6.36 9.33
CA GLU B 418 37.05 -6.22 9.60
C GLU B 418 36.67 -6.23 11.09
N GLY B 419 37.32 -7.10 11.86
CA GLY B 419 37.10 -7.20 13.31
C GLY B 419 35.86 -7.92 13.80
N LEU B 420 35.29 -8.72 12.91
CA LEU B 420 34.08 -9.51 13.20
C LEU B 420 34.30 -11.00 13.11
N CYS B 421 33.73 -11.70 14.08
CA CYS B 421 33.77 -13.14 14.10
C CYS B 421 32.48 -13.80 13.61
N SER B 422 32.65 -14.90 12.88
CA SER B 422 31.54 -15.65 12.29
C SER B 422 30.48 -16.21 13.28
#